data_3WEN
#
_entry.id   3WEN
#
_cell.length_a   97.352
_cell.length_b   138.872
_cell.length_c   148.976
_cell.angle_alpha   90.000
_cell.angle_beta   90.000
_cell.angle_gamma   90.000
#
_symmetry.space_group_name_H-M   'I 2 2 2'
#
loop_
_entity.id
_entity.type
_entity.pdbx_description
1 polymer Alpha-glucosidase
2 branched alpha-L-fucopyranose-(1-3)-[2-acetamido-2-deoxy-beta-D-glucopyranose-(1-4)]2-acetamido-2-deoxy-beta-D-glucopyranose
3 branched 4,6-dideoxy-4-{[(1S,4R,5S,6S)-4,5,6-trihydroxy-3-(hydroxymethyl)cyclohex-2-en-1-yl]amino}-alpha-D-glucopyranose-(1-4)-alpha-D-glucopyranose-(1-4)-alpha-D-glucopyranose-(1-4)-alpha-D-glucopyranose-(1-4)-alpha-D-glucopyranose-(1-4)-alpha-D-glucopyranose
4 non-polymer 2-acetamido-2-deoxy-beta-D-glucopyranose
5 non-polymer 'SULFATE ION'
6 water water
#
_entity_poly.entity_id   1
_entity_poly.type   'polypeptide(L)'
_entity_poly.pdbx_seq_one_letter_code
;MERSKLPRYICATLAVVLPLVLCMVVEGATTSKNDNQGEAIGYGYQVKNAKVDNSTGKSLTALLQLIRNSPVYGPDIQFL
SFTASFEEDDTLRIRITDANNRRWEIPNEVLPRPPPPPSPPPLSSLQHLPKPIPQNQPTTTVLSHPHSDLVFTLFHTTPF
GFTIYRKSTHDVLFDATPIPSNPTTFLIYKDQYLQLSSSLPAQQAHLYGLGEHTKPTFQLAHNQILTLWNADIASFNRDL
NLYGSHPFYMDVRSSPMVGSTHGVFLLNSNGMDVEYTGDRITYKVIGGIIDLYIFAGRTPEMVLDQYTKLIGRPAPMPYW
AFGFHQCRWGYRDVNEIETVVDKYAEARIPLEVMWTDIDYMDAFKDFTLDPVHFPLDKMQQFVTKLHRNGQRYVPILDPG
INTNKSYGTFIRGMQSNVFIKRDGNPYLGSVWPGPVYYPDFLDPAARSFWVDEIKRFRDILPIDGIWIDMNEASNFITSA
PTPGSTLDNPPYKINNSGGRVPINSKTIPATAMHYGNVTEYNAHNLYGFLESQATREALVRTSNERPFLLSRSTFAGSGK
YTAHWTGDNAARWDDLQYSIPTMLNFGLFGMPMIGADICGFAESTTEELCRRWIQLGAFYPFSRDHSARDTTHQELYLWE
SVAASARTVLGLRYQLLPYYYTLMYDANLRGIPIARPLFFTFPDDVATYGISSQFLIGRGIMVSPVLQPGAVSVNAYFPR
GNWFSLFNYTSSVSVSAGTYVSLSAPPDHINVHIHEGNIVAMQGEAMTTQAARSTPFHLLVVMSDHVASTGELFLDNGIE
MDIGGPGGKWTLVRFFAESGINNLTISSEVVNRGYAMSQRWVMDKITILGLKRRVRIKEYTVQKDAGAIKIKGLGLRTSS
HNQGGFVVSVISDLRQLVGQAFKLELEFEGATR
;
_entity_poly.pdbx_strand_id   A
#
loop_
_chem_comp.id
_chem_comp.type
_chem_comp.name
_chem_comp.formula
AC1 D-saccharide 4,6-dideoxy-4-{[(1S,4R,5S,6S)-4,5,6-trihydroxy-3-(hydroxymethyl)cyclohex-2-en-1-yl]amino}-alpha-D-glucopyranose 'C13 H23 N O8'
FUC L-saccharide, alpha linking alpha-L-fucopyranose 'C6 H12 O5'
GLC D-saccharide, alpha linking alpha-D-glucopyranose 'C6 H12 O6'
NAG D-saccharide, beta linking 2-acetamido-2-deoxy-beta-D-glucopyranose 'C8 H15 N O6'
SO4 non-polymer 'SULFATE ION' 'O4 S -2'
#
# COMPACT_ATOMS: atom_id res chain seq x y z
N ALA A 40 -1.90 -33.11 -23.97
CA ALA A 40 -1.13 -32.04 -23.35
C ALA A 40 -1.61 -31.74 -21.93
N ILE A 41 -1.41 -30.51 -21.49
CA ILE A 41 -1.75 -30.10 -20.13
C ILE A 41 -3.25 -30.21 -19.84
N GLY A 42 -4.07 -29.61 -20.69
CA GLY A 42 -5.51 -29.65 -20.52
C GLY A 42 -6.20 -29.44 -21.84
N TYR A 43 -7.45 -29.88 -21.95
CA TYR A 43 -8.19 -29.77 -23.20
C TYR A 43 -9.24 -28.67 -23.16
N GLY A 44 -9.50 -28.15 -21.96
CA GLY A 44 -10.42 -27.05 -21.79
C GLY A 44 -11.87 -27.44 -21.61
N TYR A 45 -12.76 -26.47 -21.81
CA TYR A 45 -14.18 -26.64 -21.50
C TYR A 45 -15.07 -26.11 -22.62
N GLN A 46 -16.26 -26.70 -22.71
CA GLN A 46 -17.30 -26.20 -23.60
C GLN A 46 -18.46 -25.67 -22.80
N VAL A 47 -19.15 -24.68 -23.34
CA VAL A 47 -20.38 -24.17 -22.75
C VAL A 47 -21.49 -25.21 -22.93
N LYS A 48 -22.06 -25.66 -21.82
CA LYS A 48 -23.14 -26.65 -21.85
C LYS A 48 -24.48 -25.94 -21.94
N ASN A 49 -24.70 -24.99 -21.04
CA ASN A 49 -25.84 -24.08 -21.13
C ASN A 49 -25.45 -22.70 -20.63
N ALA A 50 -26.11 -21.66 -21.15
CA ALA A 50 -25.81 -20.28 -20.75
C ALA A 50 -27.04 -19.40 -20.90
N LYS A 51 -27.35 -18.62 -19.86
CA LYS A 51 -28.49 -17.72 -19.92
C LYS A 51 -28.29 -16.44 -19.11
N VAL A 52 -28.98 -15.39 -19.54
CA VAL A 52 -29.02 -14.13 -18.79
C VAL A 52 -30.35 -14.05 -18.06
N ASP A 53 -30.32 -13.85 -16.75
CA ASP A 53 -31.56 -13.78 -15.99
C ASP A 53 -32.38 -12.55 -16.41
N ASN A 54 -33.43 -12.80 -17.19
CA ASN A 54 -34.24 -11.72 -17.75
C ASN A 54 -34.93 -10.90 -16.67
N SER A 55 -35.35 -9.69 -17.03
CA SER A 55 -36.14 -8.82 -16.15
C SER A 55 -35.42 -8.36 -14.88
N THR A 56 -35.07 -9.30 -14.00
CA THR A 56 -34.36 -8.96 -12.77
C THR A 56 -32.95 -8.44 -13.04
N GLY A 57 -32.24 -8.08 -11.97
CA GLY A 57 -30.89 -7.56 -12.08
C GLY A 57 -30.01 -8.41 -12.97
N LYS A 58 -29.59 -7.84 -14.09
CA LYS A 58 -28.87 -8.60 -15.11
C LYS A 58 -27.57 -9.25 -14.64
N SER A 59 -27.53 -10.56 -14.79
CA SER A 59 -26.34 -11.35 -14.54
C SER A 59 -26.35 -12.55 -15.48
N LEU A 60 -25.20 -13.19 -15.62
CA LEU A 60 -25.08 -14.33 -16.52
C LEU A 60 -24.71 -15.59 -15.74
N THR A 61 -25.35 -16.70 -16.10
CA THR A 61 -25.04 -17.98 -15.48
C THR A 61 -24.76 -19.00 -16.57
N ALA A 62 -23.76 -19.85 -16.35
CA ALA A 62 -23.39 -20.83 -17.34
C ALA A 62 -22.79 -22.08 -16.72
N LEU A 63 -23.01 -23.21 -17.40
CA LEU A 63 -22.40 -24.47 -16.99
C LEU A 63 -21.38 -24.89 -18.04
N LEU A 64 -20.19 -25.23 -17.58
CA LEU A 64 -19.12 -25.66 -18.46
C LEU A 64 -18.82 -27.14 -18.22
N GLN A 65 -18.56 -27.86 -19.30
CA GLN A 65 -18.22 -29.27 -19.20
C GLN A 65 -16.83 -29.50 -19.74
N LEU A 66 -16.05 -30.31 -19.02
CA LEU A 66 -14.73 -30.70 -19.46
C LEU A 66 -14.81 -31.35 -20.84
N ILE A 67 -13.95 -30.91 -21.74
CA ILE A 67 -13.88 -31.48 -23.09
C ILE A 67 -13.32 -32.89 -23.03
N ARG A 68 -12.21 -33.05 -22.31
CA ARG A 68 -11.54 -34.34 -22.20
C ARG A 68 -10.57 -34.33 -21.04
N ASN A 69 -10.51 -35.44 -20.31
CA ASN A 69 -9.62 -35.56 -19.16
C ASN A 69 -8.14 -35.56 -19.53
N SER A 70 -7.32 -35.04 -18.63
CA SER A 70 -5.87 -35.05 -18.77
C SER A 70 -5.27 -35.41 -17.42
N PRO A 71 -4.21 -36.22 -17.41
CA PRO A 71 -3.60 -36.65 -16.15
C PRO A 71 -2.63 -35.62 -15.55
N VAL A 72 -2.05 -34.77 -16.39
CA VAL A 72 -1.05 -33.81 -15.96
C VAL A 72 -1.54 -32.86 -14.87
N TYR A 73 -0.73 -32.68 -13.82
CA TYR A 73 -1.02 -31.77 -12.71
C TYR A 73 -2.29 -32.13 -11.92
N GLY A 74 -2.68 -33.39 -11.98
CA GLY A 74 -3.84 -33.85 -11.23
C GLY A 74 -5.10 -33.91 -12.07
N PRO A 75 -6.20 -34.44 -11.50
CA PRO A 75 -7.43 -34.66 -12.24
C PRO A 75 -8.18 -33.35 -12.51
N ASP A 76 -8.80 -33.25 -13.68
CA ASP A 76 -9.58 -32.07 -14.04
C ASP A 76 -10.91 -32.06 -13.30
N ILE A 77 -11.40 -30.88 -12.96
CA ILE A 77 -12.75 -30.72 -12.47
C ILE A 77 -13.73 -30.89 -13.64
N GLN A 78 -14.67 -31.82 -13.49
CA GLN A 78 -15.56 -32.21 -14.60
C GLN A 78 -16.56 -31.13 -15.04
N PHE A 79 -17.14 -30.43 -14.08
CA PHE A 79 -18.18 -29.46 -14.39
C PHE A 79 -17.95 -28.12 -13.68
N LEU A 80 -18.01 -27.04 -14.46
CA LEU A 80 -17.74 -25.72 -13.93
C LEU A 80 -18.99 -24.84 -13.92
N SER A 81 -19.22 -24.20 -12.78
CA SER A 81 -20.25 -23.19 -12.67
C SER A 81 -19.63 -21.82 -12.97
N PHE A 82 -20.13 -21.18 -14.03
CA PHE A 82 -19.57 -19.92 -14.52
C PHE A 82 -20.60 -18.79 -14.41
N THR A 83 -20.26 -17.73 -13.69
CA THR A 83 -21.15 -16.57 -13.63
C THR A 83 -20.45 -15.25 -13.90
N ALA A 84 -21.16 -14.35 -14.55
CA ALA A 84 -20.71 -12.97 -14.73
C ALA A 84 -21.79 -12.04 -14.19
N SER A 85 -21.39 -11.06 -13.40
CA SER A 85 -22.35 -10.13 -12.81
C SER A 85 -21.73 -8.78 -12.47
N PHE A 86 -22.51 -7.71 -12.65
CA PHE A 86 -22.07 -6.38 -12.28
C PHE A 86 -22.36 -6.12 -10.81
N GLU A 87 -21.32 -5.81 -10.04
CA GLU A 87 -21.50 -5.44 -8.64
C GLU A 87 -21.90 -3.96 -8.57
N GLU A 88 -21.31 -3.16 -9.43
CA GLU A 88 -21.77 -1.80 -9.67
C GLU A 88 -21.85 -1.62 -11.18
N ASP A 89 -22.00 -0.38 -11.63
CA ASP A 89 -21.97 -0.12 -13.08
C ASP A 89 -20.53 -0.23 -13.60
N ASP A 90 -19.57 -0.07 -12.70
CA ASP A 90 -18.17 -0.01 -13.09
C ASP A 90 -17.35 -1.17 -12.53
N THR A 91 -18.02 -2.28 -12.21
CA THR A 91 -17.34 -3.44 -11.67
C THR A 91 -17.96 -4.74 -12.16
N LEU A 92 -17.16 -5.54 -12.85
CA LEU A 92 -17.65 -6.80 -13.39
C LEU A 92 -17.05 -7.97 -12.64
N ARG A 93 -17.89 -8.86 -12.14
CA ARG A 93 -17.42 -10.02 -11.41
C ARG A 93 -17.54 -11.28 -12.26
N ILE A 94 -16.44 -12.02 -12.35
CA ILE A 94 -16.45 -13.31 -13.03
C ILE A 94 -16.03 -14.39 -12.05
N ARG A 95 -16.96 -15.30 -11.77
CA ARG A 95 -16.74 -16.33 -10.76
C ARG A 95 -16.87 -17.72 -11.37
N ILE A 96 -15.78 -18.48 -11.36
CA ILE A 96 -15.76 -19.83 -11.90
C ILE A 96 -15.51 -20.83 -10.78
N THR A 97 -16.50 -21.67 -10.50
CA THR A 97 -16.39 -22.64 -9.42
C THR A 97 -16.69 -24.06 -9.89
N ASP A 98 -16.30 -25.03 -9.07
CA ASP A 98 -16.69 -26.42 -9.27
C ASP A 98 -18.19 -26.50 -9.06
N ALA A 99 -18.90 -26.94 -10.09
CA ALA A 99 -20.35 -27.06 -10.02
C ALA A 99 -20.80 -28.10 -9.00
N ASN A 100 -19.90 -29.01 -8.65
CA ASN A 100 -20.22 -30.12 -7.78
C ASN A 100 -19.39 -30.18 -6.51
N ASN A 101 -18.85 -29.04 -6.10
CA ASN A 101 -18.04 -29.00 -4.89
C ASN A 101 -17.78 -27.58 -4.41
N ARG A 102 -18.00 -27.34 -3.12
CA ARG A 102 -17.62 -26.08 -2.50
C ARG A 102 -16.11 -26.05 -2.34
N ARG A 103 -15.44 -25.18 -3.09
CA ARG A 103 -14.00 -25.06 -3.01
C ARG A 103 -13.60 -23.93 -2.08
N TRP A 104 -12.33 -23.88 -1.72
CA TRP A 104 -11.82 -22.84 -0.83
C TRP A 104 -12.04 -21.44 -1.41
N GLU A 105 -12.72 -20.61 -0.65
CA GLU A 105 -12.87 -19.21 -0.99
C GLU A 105 -12.43 -18.41 0.22
N ILE A 106 -11.90 -17.21 -0.02
CA ILE A 106 -11.54 -16.34 1.09
C ILE A 106 -12.83 -15.97 1.83
N PRO A 107 -12.87 -16.29 3.14
CA PRO A 107 -14.06 -16.11 3.98
C PRO A 107 -14.63 -14.70 3.90
N ASN A 108 -15.93 -14.57 4.08
CA ASN A 108 -16.54 -13.25 4.04
C ASN A 108 -16.20 -12.47 5.30
N GLU A 109 -16.00 -13.18 6.41
CA GLU A 109 -15.62 -12.55 7.66
C GLU A 109 -14.26 -11.89 7.56
N VAL A 110 -13.42 -12.40 6.66
CA VAL A 110 -12.07 -11.88 6.47
C VAL A 110 -12.07 -10.73 5.46
N LEU A 111 -12.89 -10.87 4.43
CA LEU A 111 -13.00 -9.87 3.38
C LEU A 111 -14.44 -9.80 2.87
N PRO A 112 -15.29 -9.01 3.56
CA PRO A 112 -16.71 -8.91 3.23
C PRO A 112 -16.98 -8.30 1.85
N ARG A 113 -17.88 -8.93 1.11
CA ARG A 113 -18.15 -8.55 -0.26
C ARG A 113 -19.53 -9.07 -0.67
N PRO A 114 -20.13 -8.48 -1.71
CA PRO A 114 -21.42 -8.96 -2.21
C PRO A 114 -21.39 -10.45 -2.56
N PRO A 115 -22.45 -11.18 -2.20
CA PRO A 115 -22.54 -12.63 -2.46
C PRO A 115 -22.65 -12.91 -3.95
N PRO A 116 -22.34 -14.15 -4.36
CA PRO A 116 -22.45 -14.50 -5.78
C PRO A 116 -23.87 -14.38 -6.30
N PRO A 117 -24.03 -14.29 -7.63
CA PRO A 117 -25.36 -14.45 -8.22
C PRO A 117 -25.76 -15.93 -8.18
N PRO A 118 -27.01 -16.26 -8.56
CA PRO A 118 -27.39 -17.67 -8.65
C PRO A 118 -26.57 -18.45 -9.68
N SER A 119 -26.43 -19.76 -9.44
CA SER A 119 -25.62 -20.63 -10.30
C SER A 119 -26.48 -21.28 -11.39
N PRO A 120 -25.85 -21.82 -12.46
CA PRO A 120 -26.62 -22.39 -13.57
C PRO A 120 -27.46 -23.60 -13.19
N PRO A 121 -28.51 -23.88 -13.99
CA PRO A 121 -29.34 -25.09 -13.82
C PRO A 121 -28.64 -26.32 -14.39
N PRO A 122 -29.10 -27.53 -14.01
CA PRO A 122 -28.53 -28.75 -14.58
C PRO A 122 -28.92 -28.93 -16.05
N GLN A 137 -20.52 -18.62 -37.99
CA GLN A 137 -19.99 -18.02 -36.77
C GLN A 137 -20.48 -18.76 -35.52
N PRO A 138 -19.64 -18.81 -34.47
CA PRO A 138 -19.99 -19.46 -33.20
C PRO A 138 -21.02 -18.68 -32.38
N THR A 139 -21.65 -19.36 -31.43
CA THR A 139 -22.72 -18.79 -30.61
C THR A 139 -22.16 -17.92 -29.48
N THR A 140 -22.83 -16.81 -29.19
CA THR A 140 -22.41 -15.94 -28.11
C THR A 140 -23.53 -15.66 -27.12
N THR A 141 -23.17 -15.45 -25.86
CA THR A 141 -24.09 -14.98 -24.85
C THR A 141 -23.52 -13.68 -24.28
N VAL A 142 -24.26 -12.59 -24.45
CA VAL A 142 -23.74 -11.28 -24.09
C VAL A 142 -24.49 -10.65 -22.91
N LEU A 143 -23.73 -10.14 -21.94
CA LEU A 143 -24.30 -9.45 -20.79
C LEU A 143 -23.84 -8.00 -20.76
N SER A 144 -24.79 -7.09 -20.57
CA SER A 144 -24.47 -5.66 -20.54
C SER A 144 -25.48 -4.89 -19.71
N HIS A 145 -25.06 -3.76 -19.16
CA HIS A 145 -25.95 -2.88 -18.42
C HIS A 145 -25.90 -1.48 -19.04
N PRO A 146 -27.08 -0.85 -19.25
CA PRO A 146 -27.21 0.46 -19.90
C PRO A 146 -26.33 1.56 -19.29
N HIS A 147 -26.13 1.53 -17.98
CA HIS A 147 -25.28 2.53 -17.33
C HIS A 147 -23.86 1.99 -17.07
N SER A 148 -23.53 0.89 -17.73
CA SER A 148 -22.20 0.31 -17.60
C SER A 148 -21.41 0.52 -18.88
N ASP A 149 -20.10 0.73 -18.73
CA ASP A 149 -19.23 0.92 -19.88
C ASP A 149 -18.63 -0.42 -20.32
N LEU A 150 -18.84 -1.45 -19.50
CA LEU A 150 -18.29 -2.77 -19.77
C LEU A 150 -19.31 -3.73 -20.36
N VAL A 151 -18.87 -4.54 -21.33
CA VAL A 151 -19.71 -5.56 -21.92
C VAL A 151 -19.01 -6.92 -21.83
N PHE A 152 -19.67 -7.88 -21.20
CA PHE A 152 -19.14 -9.23 -21.11
C PHE A 152 -19.71 -10.10 -22.23
N THR A 153 -18.85 -10.89 -22.86
CA THR A 153 -19.27 -11.79 -23.92
C THR A 153 -18.77 -13.20 -23.64
N LEU A 154 -19.68 -14.18 -23.74
CA LEU A 154 -19.31 -15.58 -23.58
C LEU A 154 -19.36 -16.25 -24.95
N PHE A 155 -18.23 -16.79 -25.39
CA PHE A 155 -18.14 -17.40 -26.72
C PHE A 155 -18.27 -18.90 -26.67
N HIS A 156 -19.26 -19.44 -27.38
CA HIS A 156 -19.51 -20.87 -27.37
C HIS A 156 -18.62 -21.58 -28.38
N THR A 157 -17.30 -21.47 -28.18
CA THR A 157 -16.33 -22.14 -29.02
C THR A 157 -15.84 -23.42 -28.35
N THR A 158 -14.78 -24.00 -28.89
CA THR A 158 -14.22 -25.24 -28.34
C THR A 158 -12.69 -25.22 -28.41
N PRO A 159 -12.03 -24.96 -27.27
CA PRO A 159 -12.68 -24.69 -25.98
C PRO A 159 -13.24 -23.28 -25.90
N PHE A 160 -14.13 -23.06 -24.93
CA PHE A 160 -14.86 -21.80 -24.82
C PHE A 160 -13.93 -20.62 -24.50
N GLY A 161 -14.44 -19.42 -24.70
CA GLY A 161 -13.71 -18.22 -24.34
C GLY A 161 -14.64 -17.13 -23.84
N PHE A 162 -14.07 -16.07 -23.28
CA PHE A 162 -14.86 -14.91 -22.90
C PHE A 162 -14.05 -13.62 -23.01
N THR A 163 -14.73 -12.50 -23.24
CA THR A 163 -14.06 -11.21 -23.30
C THR A 163 -14.84 -10.13 -22.54
N ILE A 164 -14.11 -9.15 -22.05
CA ILE A 164 -14.69 -7.94 -21.50
C ILE A 164 -14.20 -6.79 -22.35
N TYR A 165 -15.12 -6.11 -23.04
CA TYR A 165 -14.72 -4.94 -23.82
C TYR A 165 -15.48 -3.68 -23.40
N ARG A 166 -14.84 -2.53 -23.63
CA ARG A 166 -15.36 -1.25 -23.18
C ARG A 166 -16.15 -0.55 -24.29
N LYS A 167 -17.39 -0.18 -23.98
CA LYS A 167 -18.25 0.52 -24.93
C LYS A 167 -17.66 1.86 -25.35
N SER A 168 -17.02 2.53 -24.41
CA SER A 168 -16.49 3.87 -24.60
C SER A 168 -15.50 3.96 -25.77
N THR A 169 -14.66 2.94 -25.91
CA THR A 169 -13.69 2.90 -27.00
C THR A 169 -13.79 1.64 -27.86
N HIS A 170 -14.80 0.83 -27.61
CA HIS A 170 -15.06 -0.37 -28.40
C HIS A 170 -13.82 -1.26 -28.42
N ASP A 171 -13.10 -1.22 -27.31
CA ASP A 171 -11.78 -1.83 -27.19
C ASP A 171 -11.82 -2.98 -26.18
N VAL A 172 -11.09 -4.06 -26.49
CA VAL A 172 -11.05 -5.22 -25.61
C VAL A 172 -10.06 -5.04 -24.47
N LEU A 173 -10.52 -5.30 -23.25
CA LEU A 173 -9.72 -5.07 -22.05
C LEU A 173 -9.20 -6.38 -21.47
N PHE A 174 -10.05 -7.39 -21.46
CA PHE A 174 -9.66 -8.73 -21.03
C PHE A 174 -10.18 -9.74 -22.05
N ASP A 175 -9.26 -10.51 -22.63
CA ASP A 175 -9.60 -11.39 -23.75
C ASP A 175 -9.14 -12.82 -23.51
N ALA A 176 -10.03 -13.64 -22.96
CA ALA A 176 -9.72 -15.03 -22.65
C ALA A 176 -10.18 -15.99 -23.74
N THR A 177 -10.17 -15.52 -24.99
CA THR A 177 -10.45 -16.39 -26.13
C THR A 177 -9.21 -17.22 -26.42
N PRO A 178 -9.37 -18.54 -26.53
CA PRO A 178 -8.21 -19.42 -26.67
C PRO A 178 -7.70 -19.52 -28.10
N ILE A 179 -6.43 -19.85 -28.23
CA ILE A 179 -5.87 -20.30 -29.49
C ILE A 179 -5.97 -21.82 -29.48
N PRO A 180 -6.92 -22.38 -30.24
CA PRO A 180 -7.32 -23.80 -30.24
C PRO A 180 -6.14 -24.78 -30.21
N SER A 181 -5.03 -24.41 -30.84
CA SER A 181 -3.86 -25.27 -30.91
C SER A 181 -2.88 -25.07 -29.75
N ASN A 182 -3.18 -24.09 -28.89
CA ASN A 182 -2.26 -23.72 -27.82
C ASN A 182 -2.89 -23.79 -26.43
N PRO A 183 -2.73 -24.93 -25.75
CA PRO A 183 -3.34 -25.18 -24.43
C PRO A 183 -2.85 -24.24 -23.33
N THR A 184 -1.83 -23.43 -23.61
CA THR A 184 -1.35 -22.45 -22.63
C THR A 184 -2.30 -21.26 -22.58
N THR A 185 -3.23 -21.20 -23.53
CA THR A 185 -4.19 -20.11 -23.60
C THR A 185 -5.58 -20.55 -23.17
N PHE A 186 -5.73 -21.83 -22.84
CA PHE A 186 -7.02 -22.36 -22.40
C PHE A 186 -7.29 -22.00 -20.95
N LEU A 187 -8.56 -22.08 -20.56
CA LEU A 187 -8.90 -22.14 -19.14
C LEU A 187 -8.76 -23.59 -18.70
N ILE A 188 -7.94 -23.81 -17.69
CA ILE A 188 -7.76 -25.15 -17.14
C ILE A 188 -8.08 -25.11 -15.66
N TYR A 189 -8.75 -26.15 -15.17
CA TYR A 189 -9.30 -26.12 -13.83
C TYR A 189 -9.16 -27.46 -13.15
N LYS A 190 -8.00 -27.70 -12.56
CA LYS A 190 -7.76 -28.91 -11.78
C LYS A 190 -7.76 -28.53 -10.30
N ASP A 191 -7.74 -29.53 -9.43
CA ASP A 191 -7.83 -29.27 -8.00
C ASP A 191 -6.67 -28.40 -7.47
N GLN A 192 -5.48 -28.56 -8.05
CA GLN A 192 -4.32 -27.79 -7.59
C GLN A 192 -3.61 -27.10 -8.75
N TYR A 193 -4.35 -26.83 -9.80
CA TYR A 193 -3.84 -26.06 -10.92
C TYR A 193 -4.97 -25.39 -11.67
N LEU A 194 -5.09 -24.07 -11.49
CA LEU A 194 -6.03 -23.28 -12.26
C LEU A 194 -5.21 -22.42 -13.23
N GLN A 195 -5.62 -22.43 -14.49
CA GLN A 195 -4.96 -21.63 -15.50
C GLN A 195 -5.96 -20.67 -16.16
N LEU A 196 -5.68 -19.38 -16.06
CA LEU A 196 -6.50 -18.35 -16.69
C LEU A 196 -5.59 -17.42 -17.47
N SER A 197 -5.94 -17.17 -18.72
CA SER A 197 -5.05 -16.44 -19.62
C SER A 197 -5.80 -15.38 -20.44
N SER A 198 -5.12 -14.27 -20.66
CA SER A 198 -5.67 -13.18 -21.47
C SER A 198 -4.59 -12.68 -22.43
N SER A 199 -5.02 -12.23 -23.60
CA SER A 199 -4.09 -11.59 -24.52
C SER A 199 -4.10 -10.08 -24.28
N LEU A 200 -3.01 -9.43 -24.64
CA LEU A 200 -2.87 -8.00 -24.43
C LEU A 200 -2.26 -7.35 -25.67
N PRO A 201 -2.70 -6.14 -26.01
CA PRO A 201 -2.01 -5.35 -27.04
C PRO A 201 -0.65 -4.95 -26.50
N ALA A 202 0.38 -5.72 -26.84
CA ALA A 202 1.70 -5.61 -26.23
C ALA A 202 2.23 -4.20 -26.02
N GLN A 203 2.00 -3.32 -26.97
CA GLN A 203 2.54 -1.96 -26.89
C GLN A 203 1.61 -0.99 -26.16
N GLN A 204 0.30 -1.14 -26.37
CA GLN A 204 -0.68 -0.24 -25.77
C GLN A 204 -0.91 -0.53 -24.30
N ALA A 205 -0.76 -1.79 -23.91
CA ALA A 205 -1.04 -2.20 -22.54
C ALA A 205 0.16 -1.98 -21.61
N HIS A 206 0.00 -1.07 -20.66
CA HIS A 206 1.01 -0.82 -19.65
C HIS A 206 0.51 -1.35 -18.30
N LEU A 207 1.21 -2.34 -17.76
CA LEU A 207 0.73 -3.04 -16.56
C LEU A 207 1.50 -2.64 -15.29
N TYR A 208 0.78 -2.62 -14.17
CA TYR A 208 1.34 -2.21 -12.89
C TYR A 208 0.75 -3.05 -11.77
N GLY A 209 1.61 -3.49 -10.85
CA GLY A 209 1.14 -4.21 -9.67
C GLY A 209 1.67 -5.62 -9.54
N LEU A 210 0.77 -6.55 -9.19
CA LEU A 210 1.11 -7.95 -8.99
C LEU A 210 2.27 -8.13 -8.00
N GLY A 211 2.20 -7.43 -6.88
CA GLY A 211 3.22 -7.53 -5.86
C GLY A 211 3.07 -8.76 -5.00
N GLU A 212 3.96 -8.93 -4.03
CA GLU A 212 4.98 -7.93 -3.74
C GLU A 212 6.34 -8.34 -4.31
N HIS A 213 6.92 -7.48 -5.13
CA HIS A 213 8.22 -7.75 -5.73
C HIS A 213 9.08 -6.51 -5.85
N THR A 214 10.38 -6.67 -5.60
CA THR A 214 11.35 -5.63 -5.85
C THR A 214 11.75 -5.62 -7.32
N LYS A 215 11.43 -4.53 -8.01
CA LYS A 215 11.78 -4.36 -9.40
C LYS A 215 12.41 -2.98 -9.59
N PRO A 216 13.34 -2.86 -10.55
CA PRO A 216 13.94 -1.55 -10.82
C PRO A 216 12.93 -0.59 -11.46
N THR A 217 11.91 -1.15 -12.11
CA THR A 217 10.91 -0.34 -12.81
C THR A 217 9.53 -0.48 -12.19
N PHE A 218 8.74 0.59 -12.26
CA PHE A 218 7.38 0.57 -11.75
C PHE A 218 6.48 -0.22 -12.69
N GLN A 219 6.55 0.12 -13.96
CA GLN A 219 5.82 -0.63 -14.98
C GLN A 219 6.43 -2.03 -15.11
N LEU A 220 5.58 -3.02 -15.30
CA LEU A 220 6.03 -4.39 -15.40
C LEU A 220 6.73 -4.68 -16.72
N ALA A 221 7.96 -5.17 -16.64
CA ALA A 221 8.72 -5.55 -17.81
C ALA A 221 8.08 -6.76 -18.48
N HIS A 222 8.29 -6.89 -19.78
CA HIS A 222 7.77 -8.03 -20.51
C HIS A 222 8.64 -9.25 -20.25
N ASN A 223 8.06 -10.44 -20.44
CA ASN A 223 8.77 -11.70 -20.31
C ASN A 223 9.32 -11.97 -18.91
N GLN A 224 8.41 -12.24 -17.97
CA GLN A 224 8.80 -12.54 -16.60
C GLN A 224 7.73 -13.35 -15.88
N ILE A 225 8.13 -14.00 -14.80
CA ILE A 225 7.18 -14.73 -13.97
C ILE A 225 7.14 -14.14 -12.57
N LEU A 226 5.99 -13.57 -12.21
CA LEU A 226 5.79 -13.05 -10.87
C LEU A 226 5.13 -14.10 -9.98
N THR A 227 5.83 -14.50 -8.92
CA THR A 227 5.31 -15.47 -7.97
C THR A 227 4.71 -14.77 -6.77
N LEU A 228 3.48 -15.13 -6.42
CA LEU A 228 2.84 -14.58 -5.23
C LEU A 228 2.72 -15.65 -4.15
N TRP A 229 3.61 -15.58 -3.17
CA TRP A 229 3.61 -16.53 -2.06
C TRP A 229 4.35 -15.91 -0.89
N ASN A 230 3.61 -15.44 0.11
CA ASN A 230 4.18 -14.77 1.28
C ASN A 230 5.36 -15.54 1.85
N ALA A 231 6.54 -14.92 1.78
CA ALA A 231 7.76 -15.58 2.23
C ALA A 231 8.70 -14.58 2.89
N ASP A 232 9.44 -15.05 3.89
CA ASP A 232 10.43 -14.23 4.57
C ASP A 232 11.67 -14.08 3.69
N ILE A 233 11.55 -13.28 2.64
CA ILE A 233 12.63 -13.06 1.68
C ILE A 233 12.92 -11.57 1.57
N ALA A 234 14.19 -11.20 1.76
CA ALA A 234 14.59 -9.80 1.84
C ALA A 234 14.30 -9.03 0.55
N SER A 235 13.85 -7.78 0.71
CA SER A 235 13.47 -6.96 -0.42
C SER A 235 14.65 -6.45 -1.24
N PHE A 236 15.87 -6.69 -0.74
CA PHE A 236 17.04 -6.34 -1.54
C PHE A 236 17.25 -7.34 -2.68
N ASN A 237 16.54 -8.46 -2.62
CA ASN A 237 16.50 -9.41 -3.72
C ASN A 237 15.49 -8.94 -4.76
N ARG A 238 15.95 -8.78 -5.99
CA ARG A 238 15.07 -8.41 -7.09
C ARG A 238 14.24 -9.62 -7.54
N ASP A 239 13.05 -9.34 -8.06
CA ASP A 239 12.20 -10.35 -8.71
C ASP A 239 11.50 -11.35 -7.78
N LEU A 240 12.19 -11.82 -6.75
CA LEU A 240 11.66 -12.88 -5.89
C LEU A 240 10.35 -12.50 -5.19
N ASN A 241 9.52 -13.49 -4.89
CA ASN A 241 8.31 -13.27 -4.09
C ASN A 241 8.66 -12.81 -2.68
N LEU A 242 8.06 -11.71 -2.24
CA LEU A 242 8.38 -11.17 -0.92
C LEU A 242 7.29 -11.47 0.13
N TYR A 243 7.17 -10.56 1.10
CA TYR A 243 6.37 -10.79 2.30
C TYR A 243 4.87 -10.82 2.04
N GLY A 244 4.43 -10.22 0.94
CA GLY A 244 3.02 -10.06 0.69
C GLY A 244 2.54 -10.52 -0.67
N SER A 245 1.23 -10.64 -0.81
CA SER A 245 0.63 -11.08 -2.08
C SER A 245 -0.55 -10.19 -2.44
N HIS A 246 -0.46 -9.53 -3.58
CA HIS A 246 -1.52 -8.66 -4.05
C HIS A 246 -1.81 -8.96 -5.51
N PRO A 247 -2.75 -9.89 -5.77
CA PRO A 247 -3.09 -10.34 -7.11
C PRO A 247 -3.96 -9.34 -7.88
N PHE A 248 -3.46 -8.10 -7.96
CA PHE A 248 -4.15 -7.03 -8.65
C PHE A 248 -3.19 -6.33 -9.61
N TYR A 249 -3.67 -5.97 -10.79
CA TYR A 249 -2.88 -5.14 -11.68
C TYR A 249 -3.69 -4.00 -12.31
N MET A 250 -2.99 -2.92 -12.64
CA MET A 250 -3.59 -1.79 -13.34
C MET A 250 -3.12 -1.76 -14.78
N ASP A 251 -4.07 -1.64 -15.71
CA ASP A 251 -3.78 -1.65 -17.13
C ASP A 251 -4.06 -0.28 -17.73
N VAL A 252 -3.00 0.48 -18.01
CA VAL A 252 -3.14 1.78 -18.64
C VAL A 252 -2.95 1.65 -20.15
N ARG A 253 -3.96 2.04 -20.91
CA ARG A 253 -3.90 1.96 -22.37
C ARG A 253 -3.41 3.26 -22.97
N SER A 254 -2.32 3.19 -23.73
CA SER A 254 -1.77 4.38 -24.38
C SER A 254 -2.47 4.64 -25.71
N SER A 255 -3.42 3.77 -26.05
CA SER A 255 -4.09 3.81 -27.35
C SER A 255 -5.21 2.77 -27.34
N PRO A 256 -6.32 3.01 -28.06
CA PRO A 256 -6.60 4.17 -28.93
C PRO A 256 -6.84 5.48 -28.19
N MET A 257 -7.62 5.45 -27.12
CA MET A 257 -7.83 6.66 -26.32
C MET A 257 -6.83 6.71 -25.17
N VAL A 258 -5.88 7.63 -25.26
CA VAL A 258 -4.77 7.71 -24.33
C VAL A 258 -5.23 7.89 -22.88
N GLY A 259 -4.55 7.21 -21.96
CA GLY A 259 -4.84 7.35 -20.55
C GLY A 259 -5.93 6.43 -20.05
N SER A 260 -6.61 5.77 -20.97
CA SER A 260 -7.70 4.86 -20.61
C SER A 260 -7.23 3.74 -19.70
N THR A 261 -7.86 3.61 -18.54
CA THR A 261 -7.40 2.70 -17.51
C THR A 261 -8.50 1.75 -17.03
N HIS A 262 -8.11 0.53 -16.71
CA HIS A 262 -8.97 -0.39 -15.97
C HIS A 262 -8.12 -1.21 -15.00
N GLY A 263 -8.78 -2.02 -14.19
CA GLY A 263 -8.09 -2.84 -13.20
C GLY A 263 -8.56 -4.28 -13.20
N VAL A 264 -7.68 -5.18 -12.80
CA VAL A 264 -8.00 -6.60 -12.78
C VAL A 264 -7.54 -7.22 -11.47
N PHE A 265 -8.50 -7.75 -10.71
CA PHE A 265 -8.22 -8.38 -9.43
C PHE A 265 -8.70 -9.82 -9.40
N LEU A 266 -7.84 -10.71 -8.90
CA LEU A 266 -8.23 -12.10 -8.73
C LEU A 266 -8.28 -12.43 -7.25
N LEU A 267 -9.50 -12.50 -6.71
CA LEU A 267 -9.68 -12.71 -5.27
C LEU A 267 -9.39 -14.16 -4.88
N ASN A 268 -8.10 -14.46 -4.70
CA ASN A 268 -7.62 -15.81 -4.44
C ASN A 268 -6.38 -15.71 -3.54
N SER A 269 -6.34 -16.51 -2.48
CA SER A 269 -5.22 -16.44 -1.53
C SER A 269 -4.18 -17.55 -1.69
N ASN A 270 -4.39 -18.43 -2.67
CA ASN A 270 -3.43 -19.51 -2.91
C ASN A 270 -2.16 -19.02 -3.59
N GLY A 271 -1.12 -19.83 -3.54
CA GLY A 271 0.10 -19.55 -4.25
C GLY A 271 -0.15 -19.52 -5.75
N MET A 272 0.58 -18.66 -6.45
CA MET A 272 0.40 -18.55 -7.89
C MET A 272 1.62 -18.00 -8.59
N ASP A 273 1.84 -18.47 -9.82
CA ASP A 273 2.76 -17.83 -10.72
C ASP A 273 1.90 -17.01 -11.68
N VAL A 274 2.36 -15.79 -11.96
CA VAL A 274 1.74 -14.99 -13.02
C VAL A 274 2.78 -14.75 -14.10
N GLU A 275 2.43 -15.11 -15.34
CA GLU A 275 3.36 -14.98 -16.46
C GLU A 275 2.96 -13.85 -17.39
N TYR A 276 3.85 -12.87 -17.54
CA TYR A 276 3.60 -11.73 -18.40
C TYR A 276 4.61 -11.69 -19.54
N THR A 277 4.11 -11.86 -20.76
CA THR A 277 4.97 -11.93 -21.93
C THR A 277 4.74 -10.77 -22.88
N GLY A 278 4.08 -9.72 -22.39
CA GLY A 278 3.82 -8.55 -23.18
C GLY A 278 2.49 -8.61 -23.94
N ASP A 279 2.32 -9.65 -24.74
CA ASP A 279 1.11 -9.81 -25.54
C ASP A 279 0.14 -10.79 -24.88
N ARG A 280 0.49 -11.24 -23.68
CA ARG A 280 -0.34 -12.20 -22.95
C ARG A 280 0.03 -12.19 -21.47
N ILE A 281 -0.98 -12.38 -20.63
CA ILE A 281 -0.76 -12.58 -19.20
C ILE A 281 -1.52 -13.82 -18.76
N THR A 282 -0.89 -14.64 -17.92
CA THR A 282 -1.48 -15.92 -17.55
C THR A 282 -1.32 -16.23 -16.07
N TYR A 283 -2.41 -16.66 -15.44
CA TYR A 283 -2.39 -17.04 -14.03
C TYR A 283 -2.22 -18.54 -13.90
N LYS A 284 -1.28 -18.95 -13.06
CA LYS A 284 -1.15 -20.36 -12.72
C LYS A 284 -1.30 -20.52 -11.21
N VAL A 285 -2.51 -20.88 -10.80
CA VAL A 285 -2.89 -20.87 -9.39
C VAL A 285 -3.04 -22.29 -8.87
N ILE A 286 -2.49 -22.56 -7.69
CA ILE A 286 -2.43 -23.92 -7.18
C ILE A 286 -3.56 -24.28 -6.21
N GLY A 287 -4.67 -23.55 -6.28
CA GLY A 287 -5.82 -23.85 -5.47
C GLY A 287 -6.89 -22.78 -5.50
N GLY A 288 -7.95 -22.99 -4.72
CA GLY A 288 -9.04 -22.02 -4.64
C GLY A 288 -9.90 -22.01 -5.88
N ILE A 289 -10.51 -20.86 -6.17
CA ILE A 289 -11.36 -20.73 -7.34
C ILE A 289 -10.94 -19.51 -8.16
N ILE A 290 -11.65 -19.27 -9.25
CA ILE A 290 -11.48 -18.05 -10.00
C ILE A 290 -12.57 -17.07 -9.61
N ASP A 291 -12.18 -16.03 -8.90
CA ASP A 291 -13.11 -14.95 -8.55
C ASP A 291 -12.50 -13.66 -9.07
N LEU A 292 -12.95 -13.26 -10.26
CA LEU A 292 -12.27 -12.21 -11.02
C LEU A 292 -13.07 -10.92 -11.11
N TYR A 293 -12.42 -9.81 -10.78
CA TYR A 293 -13.09 -8.51 -10.78
C TYR A 293 -12.43 -7.52 -11.74
N ILE A 294 -13.24 -6.96 -12.63
CA ILE A 294 -12.75 -5.95 -13.57
C ILE A 294 -13.32 -4.60 -13.18
N PHE A 295 -12.43 -3.60 -13.05
CA PHE A 295 -12.85 -2.27 -12.65
C PHE A 295 -12.77 -1.32 -13.84
N ALA A 296 -13.89 -0.72 -14.20
CA ALA A 296 -14.03 0.03 -15.45
C ALA A 296 -13.11 1.25 -15.62
N GLY A 297 -12.81 1.93 -14.52
CA GLY A 297 -12.06 3.17 -14.64
C GLY A 297 -13.02 4.34 -14.78
N ARG A 298 -12.81 5.20 -15.77
CA ARG A 298 -11.85 4.98 -16.85
C ARG A 298 -10.47 5.60 -16.58
N THR A 299 -10.38 6.41 -15.53
CA THR A 299 -9.10 7.03 -15.15
C THR A 299 -8.39 6.16 -14.10
N PRO A 300 -7.07 6.35 -13.95
CA PRO A 300 -6.33 5.65 -12.89
C PRO A 300 -6.93 5.89 -11.52
N GLU A 301 -7.39 7.12 -11.25
CA GLU A 301 -8.02 7.46 -9.97
C GLU A 301 -9.25 6.61 -9.68
N MET A 302 -10.12 6.48 -10.68
CA MET A 302 -11.38 5.77 -10.49
C MET A 302 -11.19 4.27 -10.26
N VAL A 303 -10.14 3.71 -10.84
CA VAL A 303 -9.85 2.28 -10.69
C VAL A 303 -9.56 1.93 -9.24
N LEU A 304 -8.68 2.70 -8.61
CA LEU A 304 -8.34 2.47 -7.22
C LEU A 304 -9.51 2.77 -6.29
N ASP A 305 -10.40 3.66 -6.74
CA ASP A 305 -11.64 3.92 -6.04
C ASP A 305 -12.52 2.67 -6.07
N GLN A 306 -12.70 2.09 -7.26
CA GLN A 306 -13.49 0.88 -7.43
C GLN A 306 -12.86 -0.32 -6.73
N TYR A 307 -11.53 -0.37 -6.73
CA TYR A 307 -10.82 -1.49 -6.13
C TYR A 307 -10.93 -1.50 -4.61
N THR A 308 -10.55 -0.39 -3.98
CA THR A 308 -10.60 -0.29 -2.53
C THR A 308 -12.02 -0.32 -2.00
N LYS A 309 -12.98 0.01 -2.87
CA LYS A 309 -14.39 -0.10 -2.48
C LYS A 309 -14.70 -1.56 -2.18
N LEU A 310 -14.02 -2.46 -2.88
CA LEU A 310 -14.20 -3.89 -2.73
C LEU A 310 -13.40 -4.49 -1.57
N ILE A 311 -12.10 -4.21 -1.54
CA ILE A 311 -11.21 -4.81 -0.54
C ILE A 311 -11.14 -4.02 0.77
N GLY A 312 -11.67 -2.81 0.78
CA GLY A 312 -11.69 -2.01 1.99
C GLY A 312 -10.91 -0.72 1.83
N ARG A 313 -11.48 0.38 2.32
CA ARG A 313 -10.81 1.67 2.26
C ARG A 313 -9.58 1.65 3.15
N PRO A 314 -8.53 2.38 2.75
CA PRO A 314 -7.31 2.48 3.55
C PRO A 314 -7.57 3.06 4.94
N ALA A 315 -7.09 2.37 5.97
CA ALA A 315 -7.27 2.83 7.35
C ALA A 315 -6.65 4.19 7.55
N PRO A 316 -7.32 5.06 8.31
CA PRO A 316 -6.74 6.38 8.59
C PRO A 316 -5.52 6.24 9.49
N MET A 317 -4.58 7.17 9.37
CA MET A 317 -3.40 7.18 10.21
C MET A 317 -3.44 8.41 11.10
N PRO A 318 -2.94 8.28 12.34
CA PRO A 318 -2.86 9.43 13.25
C PRO A 318 -1.88 10.48 12.73
N TYR A 319 -2.03 11.71 13.18
CA TYR A 319 -1.21 12.81 12.70
C TYR A 319 0.27 12.57 13.01
N TRP A 320 0.55 12.05 14.18
CA TRP A 320 1.93 11.84 14.62
C TRP A 320 2.66 10.80 13.78
N ALA A 321 1.92 9.96 13.07
CA ALA A 321 2.52 8.92 12.24
C ALA A 321 3.27 9.49 11.05
N PHE A 322 2.96 10.73 10.67
CA PHE A 322 3.61 11.38 9.54
C PHE A 322 4.90 12.11 9.96
N GLY A 323 5.23 12.03 11.25
CA GLY A 323 6.50 12.52 11.73
C GLY A 323 7.61 11.53 11.42
N PHE A 324 8.84 11.89 11.78
CA PHE A 324 9.99 11.02 11.52
C PHE A 324 10.11 9.95 12.59
N HIS A 325 10.48 8.74 12.19
CA HIS A 325 10.66 7.63 13.13
C HIS A 325 12.11 7.18 13.16
N GLN A 326 12.57 6.77 14.35
CA GLN A 326 13.89 6.18 14.50
C GLN A 326 13.77 4.80 15.12
N CYS A 327 14.41 3.82 14.48
CA CYS A 327 14.45 2.46 15.01
C CYS A 327 15.79 1.83 14.70
N ARG A 328 16.13 0.78 15.44
CA ARG A 328 17.29 -0.03 15.13
C ARG A 328 17.21 -1.37 15.84
N TRP A 329 17.50 -2.43 15.11
CA TRP A 329 17.71 -3.73 15.71
C TRP A 329 19.06 -3.67 16.40
N GLY A 330 19.08 -3.76 17.72
CA GLY A 330 20.34 -3.83 18.43
C GLY A 330 20.61 -2.73 19.41
N TYR A 331 19.60 -1.92 19.73
CA TYR A 331 19.72 -0.97 20.82
C TYR A 331 19.85 -1.77 22.11
N ARG A 332 20.90 -1.50 22.86
CA ARG A 332 21.30 -2.38 23.95
C ARG A 332 20.47 -2.26 25.23
N ASP A 333 20.06 -1.03 25.56
CA ASP A 333 19.28 -0.81 26.78
C ASP A 333 18.50 0.51 26.74
N VAL A 334 17.81 0.80 27.83
CA VAL A 334 17.02 2.03 27.94
C VAL A 334 17.92 3.27 27.82
N ASN A 335 19.13 3.16 28.37
CA ASN A 335 20.06 4.28 28.36
C ASN A 335 20.46 4.71 26.95
N GLU A 336 20.49 3.74 26.03
CA GLU A 336 20.90 4.03 24.66
C GLU A 336 19.79 4.69 23.85
N ILE A 337 18.55 4.29 24.08
CA ILE A 337 17.43 4.89 23.36
C ILE A 337 17.17 6.31 23.86
N GLU A 338 17.37 6.53 25.15
CA GLU A 338 17.31 7.87 25.73
C GLU A 338 18.36 8.77 25.10
N THR A 339 19.55 8.21 24.89
CA THR A 339 20.65 8.97 24.32
C THR A 339 20.35 9.36 22.88
N VAL A 340 19.80 8.42 22.11
CA VAL A 340 19.46 8.66 20.71
C VAL A 340 18.45 9.80 20.57
N VAL A 341 17.43 9.78 21.42
CA VAL A 341 16.44 10.85 21.44
C VAL A 341 17.08 12.18 21.83
N ASP A 342 17.96 12.14 22.83
CA ASP A 342 18.66 13.35 23.28
C ASP A 342 19.50 13.97 22.17
N LYS A 343 20.14 13.12 21.36
CA LYS A 343 21.03 13.62 20.31
C LYS A 343 20.27 14.17 19.11
N TYR A 344 19.10 13.60 18.82
CA TYR A 344 18.24 14.13 17.77
C TYR A 344 17.78 15.54 18.13
N ALA A 345 17.51 15.77 19.42
CA ALA A 345 17.13 17.09 19.89
C ALA A 345 18.28 18.07 19.72
N GLU A 346 19.48 17.65 20.12
CA GLU A 346 20.66 18.50 20.06
C GLU A 346 21.03 18.84 18.63
N ALA A 347 20.78 17.92 17.72
CA ALA A 347 20.99 18.15 16.29
C ALA A 347 19.87 19.01 15.71
N ARG A 348 18.84 19.24 16.52
CA ARG A 348 17.64 19.95 16.08
C ARG A 348 17.04 19.31 14.83
N ILE A 349 16.98 17.98 14.85
CA ILE A 349 16.34 17.21 13.80
C ILE A 349 15.08 16.60 14.39
N PRO A 350 13.92 16.89 13.78
CA PRO A 350 12.65 16.41 14.31
C PRO A 350 12.58 14.90 14.44
N LEU A 351 12.26 14.43 15.65
CA LEU A 351 12.07 13.02 15.91
C LEU A 351 10.71 12.86 16.59
N GLU A 352 9.80 12.14 15.94
CA GLU A 352 8.44 12.04 16.44
C GLU A 352 8.22 10.77 17.26
N VAL A 353 8.72 9.66 16.75
CA VAL A 353 8.48 8.36 17.37
C VAL A 353 9.75 7.56 17.56
N MET A 354 9.93 7.02 18.77
CA MET A 354 11.04 6.14 19.05
C MET A 354 10.53 4.70 19.07
N TRP A 355 11.26 3.82 18.37
CA TRP A 355 10.88 2.41 18.27
C TRP A 355 11.86 1.53 19.03
N THR A 356 11.39 0.38 19.48
CA THR A 356 12.27 -0.62 20.08
C THR A 356 12.06 -1.99 19.44
N ASP A 357 13.13 -2.57 18.93
CA ASP A 357 13.08 -3.87 18.28
C ASP A 357 13.09 -4.99 19.33
N ILE A 358 13.33 -6.22 18.90
CA ILE A 358 13.22 -7.39 19.78
C ILE A 358 14.16 -7.34 20.99
N ASP A 359 15.02 -6.34 21.01
CA ASP A 359 15.94 -6.10 22.13
C ASP A 359 15.21 -5.88 23.45
N TYR A 360 14.08 -5.18 23.42
CA TYR A 360 13.37 -4.82 24.65
C TYR A 360 12.77 -6.02 25.39
N MET A 361 12.55 -7.10 24.66
CA MET A 361 11.88 -8.27 25.22
C MET A 361 12.78 -9.01 26.19
N ASP A 362 12.17 -9.89 26.98
CA ASP A 362 12.94 -10.78 27.85
C ASP A 362 13.28 -12.04 27.08
N ALA A 363 14.48 -12.08 26.51
CA ALA A 363 14.93 -13.20 25.69
C ALA A 363 13.98 -13.43 24.51
N PHE A 364 13.59 -12.34 23.85
CA PHE A 364 12.80 -12.37 22.63
C PHE A 364 11.38 -12.95 22.78
N LYS A 365 10.82 -12.83 23.98
CA LYS A 365 9.44 -13.25 24.21
C LYS A 365 8.50 -12.05 24.19
N ASP A 366 7.36 -12.21 23.54
CA ASP A 366 6.36 -11.14 23.48
C ASP A 366 5.81 -10.82 24.85
N PHE A 367 5.35 -9.58 25.01
CA PHE A 367 4.65 -9.13 26.20
C PHE A 367 5.50 -9.30 27.45
N THR A 368 6.80 -9.07 27.30
CA THR A 368 7.73 -9.10 28.42
C THR A 368 8.73 -7.97 28.27
N LEU A 369 9.49 -7.72 29.32
CA LEU A 369 10.57 -6.74 29.26
C LEU A 369 11.81 -7.31 29.88
N ASP A 370 12.95 -7.11 29.21
CA ASP A 370 14.25 -7.53 29.72
C ASP A 370 14.49 -6.84 31.05
N PRO A 371 14.44 -7.60 32.15
CA PRO A 371 14.55 -7.03 33.50
C PRO A 371 15.90 -6.37 33.74
N VAL A 372 16.88 -6.64 32.87
CA VAL A 372 18.22 -6.10 33.02
C VAL A 372 18.47 -4.88 32.14
N HIS A 373 18.28 -5.03 30.84
CA HIS A 373 18.58 -3.95 29.90
C HIS A 373 17.41 -3.00 29.72
N PHE A 374 16.19 -3.51 29.83
CA PHE A 374 15.00 -2.69 29.65
C PHE A 374 14.00 -2.84 30.79
N PRO A 375 14.41 -2.52 32.03
CA PRO A 375 13.53 -2.78 33.17
C PRO A 375 12.26 -1.93 33.12
N LEU A 376 11.18 -2.46 33.69
CA LEU A 376 9.86 -1.85 33.57
C LEU A 376 9.81 -0.39 34.00
N ASP A 377 10.34 -0.10 35.19
CA ASP A 377 10.28 1.25 35.75
C ASP A 377 11.04 2.27 34.91
N LYS A 378 12.18 1.87 34.35
CA LYS A 378 12.95 2.73 33.47
C LYS A 378 12.21 3.00 32.16
N MET A 379 11.50 1.98 31.67
CA MET A 379 10.72 2.11 30.44
C MET A 379 9.48 2.96 30.66
N GLN A 380 8.86 2.80 31.82
CA GLN A 380 7.72 3.64 32.20
C GLN A 380 8.13 5.10 32.21
N GLN A 381 9.25 5.39 32.87
CA GLN A 381 9.83 6.73 32.88
C GLN A 381 10.10 7.21 31.46
N PHE A 382 10.71 6.35 30.66
CA PHE A 382 11.12 6.70 29.30
C PHE A 382 9.93 7.09 28.41
N VAL A 383 8.83 6.36 28.53
CA VAL A 383 7.66 6.63 27.73
C VAL A 383 6.94 7.87 28.24
N THR A 384 6.94 8.04 29.56
CA THR A 384 6.35 9.21 30.19
C THR A 384 7.04 10.49 29.69
N LYS A 385 8.36 10.43 29.56
CA LYS A 385 9.13 11.57 29.11
C LYS A 385 8.92 11.85 27.62
N LEU A 386 8.77 10.79 26.84
CA LEU A 386 8.47 10.94 25.42
C LEU A 386 7.16 11.69 25.25
N HIS A 387 6.14 11.25 25.98
CA HIS A 387 4.82 11.86 25.92
C HIS A 387 4.86 13.32 26.39
N ARG A 388 5.60 13.57 27.45
CA ARG A 388 5.72 14.92 28.01
C ARG A 388 6.32 15.89 26.98
N ASN A 389 7.16 15.37 26.09
CA ASN A 389 7.71 16.16 25.01
C ASN A 389 6.98 15.97 23.68
N GLY A 390 5.75 15.46 23.76
CA GLY A 390 4.93 15.26 22.58
C GLY A 390 5.51 14.25 21.61
N GLN A 391 6.12 13.19 22.14
CA GLN A 391 6.69 12.14 21.32
C GLN A 391 6.01 10.80 21.62
N ARG A 392 6.19 9.84 20.73
CA ARG A 392 5.48 8.57 20.82
C ARG A 392 6.44 7.39 20.86
N TYR A 393 5.91 6.21 21.16
CA TYR A 393 6.72 5.01 21.30
C TYR A 393 6.04 3.78 20.69
N VAL A 394 6.79 3.04 19.87
CA VAL A 394 6.27 1.83 19.23
C VAL A 394 7.21 0.63 19.36
N PRO A 395 6.75 -0.43 20.04
CA PRO A 395 7.49 -1.68 20.17
C PRO A 395 7.08 -2.71 19.11
N ILE A 396 7.90 -3.74 18.94
CA ILE A 396 7.67 -4.77 17.92
C ILE A 396 7.01 -6.01 18.52
N LEU A 397 6.29 -6.76 17.69
CA LEU A 397 5.71 -8.05 18.10
C LEU A 397 5.90 -9.09 17.00
N ASP A 398 6.20 -10.32 17.40
CA ASP A 398 6.26 -11.46 16.50
C ASP A 398 5.03 -12.33 16.76
N PRO A 399 4.62 -13.15 15.78
CA PRO A 399 3.45 -13.99 16.08
C PRO A 399 3.80 -15.20 16.95
N GLY A 400 5.01 -15.72 16.82
CA GLY A 400 5.41 -16.92 17.54
C GLY A 400 5.41 -16.78 19.06
N ILE A 401 4.83 -17.76 19.74
CA ILE A 401 4.83 -17.78 21.19
C ILE A 401 5.77 -18.86 21.70
N ASN A 402 6.84 -18.43 22.37
CA ASN A 402 7.83 -19.33 22.94
C ASN A 402 7.22 -20.35 23.88
N THR A 403 7.58 -21.61 23.70
CA THR A 403 7.03 -22.69 24.53
C THR A 403 7.71 -22.78 25.89
N ASN A 404 7.61 -21.70 26.68
CA ASN A 404 8.19 -21.64 28.00
C ASN A 404 7.10 -21.87 29.06
N LYS A 405 7.29 -22.87 29.91
CA LYS A 405 6.26 -23.27 30.87
C LYS A 405 6.07 -22.27 32.01
N SER A 406 7.00 -21.32 32.14
CA SER A 406 6.90 -20.28 33.15
C SER A 406 6.50 -18.95 32.53
N TYR A 407 6.09 -19.01 31.27
CA TYR A 407 5.73 -17.85 30.46
C TYR A 407 4.21 -17.73 30.45
N GLY A 408 3.69 -16.60 30.90
CA GLY A 408 2.26 -16.39 31.03
C GLY A 408 1.48 -16.47 29.74
N THR A 409 2.04 -15.90 28.67
CA THR A 409 1.39 -15.90 27.36
C THR A 409 1.26 -17.32 26.80
N PHE A 410 2.28 -18.14 26.99
CA PHE A 410 2.24 -19.52 26.52
C PHE A 410 1.22 -20.33 27.31
N ILE A 411 1.24 -20.17 28.63
CA ILE A 411 0.30 -20.87 29.51
C ILE A 411 -1.14 -20.57 29.13
N ARG A 412 -1.47 -19.29 28.97
CA ARG A 412 -2.82 -18.89 28.63
C ARG A 412 -3.21 -19.32 27.21
N GLY A 413 -2.26 -19.27 26.28
CA GLY A 413 -2.52 -19.67 24.92
C GLY A 413 -2.85 -21.15 24.81
N MET A 414 -2.25 -21.95 25.67
CA MET A 414 -2.51 -23.39 25.69
C MET A 414 -3.86 -23.69 26.30
N GLN A 415 -4.32 -22.81 27.20
CA GLN A 415 -5.59 -23.01 27.87
C GLN A 415 -6.77 -22.70 26.96
N SER A 416 -6.61 -21.72 26.08
CA SER A 416 -7.68 -21.36 25.16
C SER A 416 -7.57 -22.12 23.83
N ASN A 417 -6.56 -22.97 23.72
CA ASN A 417 -6.33 -23.78 22.52
C ASN A 417 -6.24 -22.95 21.25
N VAL A 418 -5.31 -22.00 21.23
CA VAL A 418 -5.26 -21.00 20.18
C VAL A 418 -4.20 -21.24 19.10
N PHE A 419 -3.45 -22.33 19.20
CA PHE A 419 -2.32 -22.54 18.31
C PHE A 419 -2.59 -23.42 17.09
N ILE A 420 -2.02 -23.01 15.98
CA ILE A 420 -2.08 -23.76 14.72
C ILE A 420 -1.58 -25.19 14.95
N LYS A 421 -2.27 -26.16 14.37
CA LYS A 421 -1.94 -27.56 14.59
C LYS A 421 -1.50 -28.26 13.32
N ARG A 422 -0.67 -29.29 13.49
CA ARG A 422 -0.33 -30.21 12.42
C ARG A 422 -0.37 -31.62 12.98
N ASP A 423 -1.05 -32.52 12.28
CA ASP A 423 -1.20 -33.90 12.72
C ASP A 423 -1.77 -34.02 14.14
N GLY A 424 -2.62 -33.08 14.51
CA GLY A 424 -3.32 -33.16 15.78
C GLY A 424 -2.69 -32.40 16.93
N ASN A 425 -1.43 -32.00 16.74
CA ASN A 425 -0.69 -31.31 17.79
C ASN A 425 -0.28 -29.91 17.34
N PRO A 426 -0.09 -28.99 18.30
CA PRO A 426 0.36 -27.63 17.97
C PRO A 426 1.67 -27.69 17.18
N TYR A 427 1.74 -26.99 16.07
CA TYR A 427 2.92 -27.04 15.23
C TYR A 427 4.12 -26.37 15.89
N LEU A 428 5.22 -27.11 16.01
CA LEU A 428 6.44 -26.57 16.59
C LEU A 428 7.19 -25.69 15.60
N GLY A 429 7.28 -24.40 15.92
CA GLY A 429 7.98 -23.45 15.07
C GLY A 429 9.35 -23.09 15.60
N SER A 430 10.06 -22.24 14.88
CA SER A 430 11.41 -21.82 15.26
C SER A 430 11.66 -20.38 14.82
N VAL A 431 11.66 -19.45 15.77
CA VAL A 431 12.01 -18.04 15.51
C VAL A 431 12.99 -17.54 16.57
N TRP A 432 12.90 -16.26 16.94
CA TRP A 432 13.88 -15.66 17.84
C TRP A 432 14.00 -16.29 19.25
N PRO A 433 12.88 -16.37 20.01
CA PRO A 433 13.03 -16.90 21.38
C PRO A 433 13.39 -18.38 21.41
N GLY A 434 13.21 -19.05 20.28
CA GLY A 434 13.48 -20.47 20.18
C GLY A 434 12.28 -21.20 19.61
N PRO A 435 11.93 -22.33 20.22
CA PRO A 435 10.75 -23.08 19.76
C PRO A 435 9.50 -22.30 20.07
N VAL A 436 8.61 -22.16 19.09
CA VAL A 436 7.38 -21.40 19.28
C VAL A 436 6.17 -22.13 18.73
N TYR A 437 5.01 -21.74 19.23
CA TYR A 437 3.74 -22.14 18.65
C TYR A 437 3.13 -20.93 17.96
N TYR A 438 2.38 -21.16 16.89
CA TYR A 438 1.77 -20.06 16.15
C TYR A 438 0.29 -19.90 16.46
N PRO A 439 -0.13 -18.70 16.85
CA PRO A 439 -1.56 -18.42 17.06
C PRO A 439 -2.34 -18.53 15.75
N ASP A 440 -3.48 -19.21 15.80
CA ASP A 440 -4.35 -19.39 14.64
C ASP A 440 -5.32 -18.22 14.51
N PHE A 441 -4.90 -17.16 13.82
CA PHE A 441 -5.72 -15.94 13.76
C PHE A 441 -7.02 -16.08 12.95
N LEU A 442 -7.42 -17.31 12.70
CA LEU A 442 -8.70 -17.60 12.06
C LEU A 442 -9.65 -18.13 13.13
N ASP A 443 -9.07 -18.48 14.27
CA ASP A 443 -9.83 -18.86 15.46
C ASP A 443 -10.18 -17.59 16.22
N PRO A 444 -11.49 -17.36 16.43
CA PRO A 444 -11.93 -16.20 17.22
C PRO A 444 -11.39 -16.24 18.65
N ALA A 445 -11.22 -17.44 19.20
CA ALA A 445 -10.62 -17.59 20.53
C ALA A 445 -9.16 -17.14 20.55
N ALA A 446 -8.45 -17.34 19.44
CA ALA A 446 -7.07 -16.90 19.33
C ALA A 446 -7.02 -15.39 19.16
N ARG A 447 -8.06 -14.83 18.55
CA ARG A 447 -8.16 -13.38 18.40
C ARG A 447 -8.48 -12.70 19.73
N SER A 448 -9.28 -13.36 20.56
CA SER A 448 -9.57 -12.87 21.90
C SER A 448 -8.32 -12.94 22.77
N PHE A 449 -7.61 -14.06 22.69
CA PHE A 449 -6.37 -14.26 23.41
C PHE A 449 -5.37 -13.16 23.08
N TRP A 450 -5.31 -12.79 21.81
CA TRP A 450 -4.38 -11.77 21.33
C TRP A 450 -4.71 -10.40 21.94
N VAL A 451 -5.98 -10.04 21.92
CA VAL A 451 -6.46 -8.80 22.52
C VAL A 451 -6.17 -8.77 24.01
N ASP A 452 -6.33 -9.93 24.65
CA ASP A 452 -6.09 -10.05 26.09
C ASP A 452 -4.63 -9.76 26.42
N GLU A 453 -3.73 -10.46 25.73
CA GLU A 453 -2.30 -10.29 25.92
C GLU A 453 -1.85 -8.86 25.69
N ILE A 454 -2.38 -8.24 24.64
CA ILE A 454 -2.03 -6.85 24.34
C ILE A 454 -2.58 -5.89 25.40
N LYS A 455 -3.79 -6.16 25.87
CA LYS A 455 -4.37 -5.38 26.96
C LYS A 455 -3.47 -5.44 28.20
N ARG A 456 -3.12 -6.66 28.60
CA ARG A 456 -2.26 -6.89 29.76
C ARG A 456 -0.96 -6.12 29.68
N PHE A 457 -0.30 -6.22 28.54
CA PHE A 457 0.97 -5.54 28.35
C PHE A 457 0.80 -4.04 28.37
N ARG A 458 -0.30 -3.57 27.78
CA ARG A 458 -0.55 -2.14 27.66
C ARG A 458 -0.90 -1.49 29.01
N ASP A 459 -1.34 -2.31 29.96
CA ASP A 459 -1.63 -1.83 31.31
C ASP A 459 -0.36 -1.44 32.05
N ILE A 460 0.68 -2.24 31.88
CA ILE A 460 1.93 -2.02 32.62
C ILE A 460 2.89 -1.10 31.86
N LEU A 461 2.61 -0.87 30.58
CA LEU A 461 3.51 -0.07 29.74
C LEU A 461 2.77 0.63 28.61
N PRO A 462 2.75 1.97 28.65
CA PRO A 462 2.08 2.74 27.59
C PRO A 462 2.77 2.58 26.24
N ILE A 463 2.00 2.23 25.22
CA ILE A 463 2.50 2.15 23.86
C ILE A 463 1.60 2.95 22.95
N ASP A 464 2.17 3.55 21.91
CA ASP A 464 1.40 4.39 21.00
C ASP A 464 1.06 3.68 19.70
N GLY A 465 1.56 2.45 19.54
CA GLY A 465 1.31 1.67 18.36
C GLY A 465 2.00 0.32 18.42
N ILE A 466 1.79 -0.50 17.40
CA ILE A 466 2.36 -1.83 17.35
C ILE A 466 3.03 -2.14 16.00
N TRP A 467 4.20 -2.76 16.07
CA TRP A 467 4.90 -3.21 14.88
C TRP A 467 4.81 -4.73 14.86
N ILE A 468 4.04 -5.28 13.92
CA ILE A 468 3.97 -6.74 13.79
C ILE A 468 4.85 -7.26 12.66
N ASP A 469 5.75 -8.17 13.02
CA ASP A 469 6.80 -8.63 12.14
C ASP A 469 6.79 -10.16 12.07
N MET A 470 7.60 -10.72 11.17
CA MET A 470 7.76 -12.18 11.04
C MET A 470 6.43 -12.91 10.83
N ASN A 471 5.45 -12.22 10.26
CA ASN A 471 4.09 -12.76 10.20
C ASN A 471 3.74 -13.39 8.84
N GLU A 472 4.73 -13.99 8.20
CA GLU A 472 4.51 -14.69 6.93
C GLU A 472 3.66 -15.99 6.90
N ALA A 473 3.78 -16.90 7.88
CA ALA A 473 4.64 -16.80 9.06
C ALA A 473 6.05 -17.29 8.79
N SER A 474 7.02 -16.64 9.41
CA SER A 474 8.41 -17.00 9.26
C SER A 474 8.77 -18.15 10.20
N ASN A 475 9.54 -19.09 9.67
CA ASN A 475 9.97 -20.26 10.44
C ASN A 475 11.41 -20.56 10.06
N PHE A 476 12.26 -20.86 11.03
CA PHE A 476 13.68 -20.98 10.76
C PHE A 476 14.07 -22.42 10.37
N ILE A 477 13.19 -23.37 10.64
CA ILE A 477 13.46 -24.76 10.33
C ILE A 477 12.32 -25.40 9.54
N THR A 478 12.60 -25.73 8.28
CA THR A 478 11.60 -26.33 7.41
C THR A 478 11.20 -27.74 7.85
N SER A 479 9.90 -27.96 8.02
CA SER A 479 9.39 -29.28 8.39
C SER A 479 9.48 -30.28 7.25
N ALA A 480 9.55 -31.55 7.60
CA ALA A 480 9.50 -32.62 6.61
C ALA A 480 8.07 -32.74 6.07
N PRO A 481 7.94 -33.03 4.76
CA PRO A 481 6.62 -33.15 4.14
C PRO A 481 5.91 -34.42 4.60
N THR A 482 4.60 -34.32 4.79
CA THR A 482 3.79 -35.49 5.12
C THR A 482 3.79 -36.46 3.94
N PRO A 483 4.15 -37.73 4.20
CA PRO A 483 4.15 -38.77 3.18
C PRO A 483 2.76 -38.95 2.55
N GLY A 484 2.71 -38.94 1.22
CA GLY A 484 1.45 -39.14 0.53
C GLY A 484 0.58 -37.90 0.43
N SER A 485 1.13 -36.75 0.78
CA SER A 485 0.38 -35.51 0.72
C SER A 485 0.69 -34.70 -0.51
N THR A 486 -0.35 -34.30 -1.24
CA THR A 486 -0.18 -33.47 -2.42
C THR A 486 -0.30 -32.01 -2.04
N LEU A 487 -0.48 -31.74 -0.75
CA LEU A 487 -0.47 -30.38 -0.23
C LEU A 487 0.96 -29.93 0.07
N ASP A 488 1.69 -30.74 0.82
CA ASP A 488 3.10 -30.48 1.07
C ASP A 488 3.96 -30.72 -0.18
N ASN A 489 3.41 -31.45 -1.14
CA ASN A 489 4.10 -31.76 -2.39
C ASN A 489 3.19 -31.56 -3.60
N PRO A 490 2.95 -30.31 -3.99
CA PRO A 490 1.97 -30.00 -5.04
C PRO A 490 2.44 -30.42 -6.42
N PRO A 491 1.50 -30.75 -7.31
CA PRO A 491 1.81 -31.18 -8.69
C PRO A 491 2.43 -30.08 -9.55
N TYR A 492 1.99 -28.84 -9.37
CA TYR A 492 2.60 -27.71 -10.05
C TYR A 492 3.39 -26.87 -9.06
N LYS A 493 4.69 -26.72 -9.29
CA LYS A 493 5.55 -25.96 -8.40
C LYS A 493 5.63 -24.50 -8.81
N ILE A 494 5.08 -23.61 -7.99
CA ILE A 494 5.23 -22.18 -8.23
C ILE A 494 6.68 -21.78 -8.04
N ASN A 495 7.11 -20.69 -8.66
CA ASN A 495 8.51 -20.31 -8.63
C ASN A 495 8.94 -19.59 -7.35
N ASN A 496 8.70 -20.25 -6.22
CA ASN A 496 9.07 -19.72 -4.91
C ASN A 496 10.58 -19.50 -4.78
N SER A 497 10.95 -18.31 -4.31
CA SER A 497 12.35 -17.90 -4.15
C SER A 497 13.17 -18.02 -5.42
N GLY A 498 12.49 -18.00 -6.57
CA GLY A 498 13.15 -18.01 -7.87
C GLY A 498 13.80 -19.32 -8.26
N GLY A 499 13.42 -20.42 -7.61
CA GLY A 499 14.02 -21.70 -7.89
C GLY A 499 13.11 -22.89 -7.62
N ARG A 500 11.81 -22.70 -7.83
CA ARG A 500 10.81 -23.75 -7.63
C ARG A 500 10.89 -24.37 -6.22
N VAL A 501 11.42 -23.61 -5.27
CA VAL A 501 11.56 -24.03 -3.89
C VAL A 501 10.19 -24.40 -3.31
N PRO A 502 10.11 -25.56 -2.63
CA PRO A 502 8.87 -26.05 -2.00
C PRO A 502 8.22 -25.01 -1.10
N ILE A 503 6.90 -24.84 -1.23
CA ILE A 503 6.15 -23.82 -0.49
C ILE A 503 6.32 -23.90 1.03
N ASN A 504 6.66 -25.07 1.55
CA ASN A 504 6.84 -25.27 2.99
C ASN A 504 8.15 -24.69 3.52
N SER A 505 9.00 -24.19 2.62
CA SER A 505 10.31 -23.70 3.02
C SER A 505 10.25 -22.48 3.95
N LYS A 506 10.88 -22.62 5.10
CA LYS A 506 10.99 -21.56 6.10
C LYS A 506 9.65 -20.96 6.52
N THR A 507 8.62 -21.80 6.59
CA THR A 507 7.31 -21.36 7.04
C THR A 507 6.53 -22.53 7.64
N ILE A 508 5.22 -22.35 7.80
CA ILE A 508 4.35 -23.38 8.35
C ILE A 508 3.90 -24.31 7.22
N PRO A 509 4.05 -25.62 7.42
CA PRO A 509 3.71 -26.66 6.44
C PRO A 509 2.29 -26.52 5.89
N ALA A 510 2.10 -26.85 4.61
CA ALA A 510 0.80 -26.74 3.98
C ALA A 510 -0.26 -27.64 4.62
N THR A 511 0.19 -28.67 5.32
CA THR A 511 -0.72 -29.63 5.95
C THR A 511 -1.17 -29.22 7.35
N ALA A 512 -0.67 -28.10 7.85
CA ALA A 512 -1.14 -27.60 9.13
C ALA A 512 -2.58 -27.12 9.00
N MET A 513 -3.34 -27.17 10.09
CA MET A 513 -4.76 -26.87 10.04
C MET A 513 -5.15 -25.65 10.87
N HIS A 514 -6.15 -24.92 10.38
CA HIS A 514 -6.68 -23.77 11.10
C HIS A 514 -8.12 -24.05 11.53
N TYR A 515 -8.70 -23.06 12.20
CA TYR A 515 -10.08 -23.11 12.64
C TYR A 515 -11.03 -23.33 11.48
N GLY A 516 -12.04 -24.18 11.68
CA GLY A 516 -13.00 -24.49 10.65
C GLY A 516 -12.41 -25.43 9.61
N ASN A 517 -11.42 -26.20 10.02
CA ASN A 517 -10.76 -27.17 9.13
C ASN A 517 -10.14 -26.54 7.89
N VAL A 518 -9.52 -25.38 8.05
CA VAL A 518 -8.87 -24.71 6.94
C VAL A 518 -7.37 -25.01 6.92
N THR A 519 -6.89 -25.53 5.79
CA THR A 519 -5.47 -25.86 5.64
C THR A 519 -4.60 -24.63 5.48
N GLU A 520 -3.35 -24.75 5.88
CA GLU A 520 -2.37 -23.68 5.68
C GLU A 520 -2.17 -23.45 4.20
N TYR A 521 -2.35 -24.50 3.42
CA TYR A 521 -2.24 -24.46 1.97
C TYR A 521 -3.09 -23.34 1.36
N ASN A 522 -4.29 -23.16 1.88
CA ASN A 522 -5.21 -22.15 1.38
C ASN A 522 -5.08 -20.81 2.09
N ALA A 523 -4.88 -20.85 3.39
CA ALA A 523 -4.91 -19.64 4.20
C ALA A 523 -3.53 -19.00 4.43
N HIS A 524 -2.51 -19.52 3.75
CA HIS A 524 -1.14 -19.05 3.98
C HIS A 524 -0.94 -17.55 3.74
N ASN A 525 -1.37 -17.08 2.57
CA ASN A 525 -1.24 -15.66 2.23
C ASN A 525 -2.17 -14.75 3.06
N LEU A 526 -2.95 -15.34 3.95
CA LEU A 526 -3.87 -14.57 4.77
C LEU A 526 -3.33 -14.32 6.19
N TYR A 527 -2.29 -15.06 6.57
CA TYR A 527 -1.81 -15.02 7.95
C TYR A 527 -1.48 -13.62 8.47
N GLY A 528 -0.69 -12.87 7.73
CA GLY A 528 -0.31 -11.53 8.16
C GLY A 528 -1.50 -10.59 8.14
N PHE A 529 -2.39 -10.82 7.17
CA PHE A 529 -3.61 -10.05 7.04
C PHE A 529 -4.49 -10.23 8.27
N LEU A 530 -4.58 -11.46 8.75
CA LEU A 530 -5.43 -11.80 9.88
C LEU A 530 -4.88 -11.24 11.20
N GLU A 531 -3.57 -11.31 11.37
CA GLU A 531 -2.95 -10.80 12.58
C GLU A 531 -3.11 -9.29 12.66
N SER A 532 -3.10 -8.64 11.49
CA SER A 532 -3.28 -7.20 11.43
C SER A 532 -4.67 -6.81 11.91
N GLN A 533 -5.67 -7.62 11.58
CA GLN A 533 -7.04 -7.40 12.05
C GLN A 533 -7.15 -7.55 13.56
N ALA A 534 -6.58 -8.64 14.09
CA ALA A 534 -6.62 -8.91 15.51
C ALA A 534 -5.85 -7.86 16.30
N THR A 535 -4.70 -7.45 15.77
CA THR A 535 -3.88 -6.44 16.43
C THR A 535 -4.59 -5.09 16.47
N ARG A 536 -5.25 -4.73 15.37
CA ARG A 536 -5.96 -3.47 15.32
C ARG A 536 -7.18 -3.51 16.23
N GLU A 537 -7.82 -4.67 16.30
CA GLU A 537 -8.94 -4.87 17.20
C GLU A 537 -8.46 -4.65 18.63
N ALA A 538 -7.32 -5.26 18.94
CA ALA A 538 -6.74 -5.17 20.28
C ALA A 538 -6.42 -3.73 20.67
N LEU A 539 -5.91 -2.96 19.71
CA LEU A 539 -5.55 -1.58 19.95
C LEU A 539 -6.78 -0.68 20.14
N VAL A 540 -7.84 -0.97 19.40
CA VAL A 540 -9.07 -0.19 19.45
C VAL A 540 -9.81 -0.39 20.78
N ARG A 541 -9.76 -1.62 21.29
CA ARG A 541 -10.44 -1.97 22.53
C ARG A 541 -9.67 -1.58 23.79
N THR A 542 -8.40 -1.21 23.64
CA THR A 542 -7.58 -0.82 24.77
C THR A 542 -7.28 0.69 24.81
N SER A 543 -7.69 1.41 23.78
CA SER A 543 -7.42 2.83 23.68
C SER A 543 -8.43 3.52 22.76
N ASN A 544 -8.92 4.69 23.17
CA ASN A 544 -9.91 5.43 22.39
C ASN A 544 -9.31 6.20 21.22
N GLU A 545 -7.98 6.20 21.12
CA GLU A 545 -7.31 6.93 20.05
C GLU A 545 -7.18 6.08 18.79
N ARG A 546 -7.08 6.75 17.65
CA ARG A 546 -6.85 6.07 16.38
C ARG A 546 -5.54 5.30 16.45
N PRO A 547 -5.61 3.98 16.23
CA PRO A 547 -4.45 3.11 16.39
C PRO A 547 -3.43 3.30 15.26
N PHE A 548 -2.21 2.82 15.50
CA PHE A 548 -1.20 2.75 14.46
C PHE A 548 -0.57 1.38 14.49
N LEU A 549 -0.48 0.75 13.33
CA LEU A 549 0.28 -0.49 13.23
C LEU A 549 1.00 -0.64 11.88
N LEU A 550 2.12 -1.35 11.94
CA LEU A 550 2.95 -1.59 10.78
C LEU A 550 3.13 -3.10 10.65
N SER A 551 2.79 -3.64 9.49
CA SER A 551 2.90 -5.09 9.26
C SER A 551 3.85 -5.39 8.12
N ARG A 552 4.58 -6.50 8.24
CA ARG A 552 5.46 -6.94 7.17
C ARG A 552 4.69 -7.73 6.13
N SER A 553 4.16 -8.88 6.53
CA SER A 553 3.37 -9.70 5.63
C SER A 553 1.98 -9.10 5.41
N THR A 554 1.59 -8.98 4.15
CA THR A 554 0.30 -8.39 3.79
C THR A 554 -0.43 -9.18 2.70
N PHE A 555 -1.72 -8.95 2.60
CA PHE A 555 -2.53 -9.49 1.51
C PHE A 555 -3.47 -8.38 1.07
N ALA A 556 -4.13 -8.55 -0.07
CA ALA A 556 -5.06 -7.56 -0.59
C ALA A 556 -6.15 -7.26 0.46
N GLY A 557 -6.18 -6.02 0.91
CA GLY A 557 -7.13 -5.60 1.93
C GLY A 557 -6.44 -5.19 3.22
N SER A 558 -5.15 -5.47 3.33
CA SER A 558 -4.42 -5.16 4.54
C SER A 558 -4.39 -3.68 4.88
N GLY A 559 -4.43 -2.84 3.84
CA GLY A 559 -4.34 -1.40 4.02
C GLY A 559 -5.48 -0.84 4.86
N LYS A 560 -6.55 -1.61 4.97
CA LYS A 560 -7.70 -1.23 5.78
C LYS A 560 -7.38 -1.41 7.26
N TYR A 561 -6.25 -2.03 7.54
CA TYR A 561 -5.91 -2.37 8.92
C TYR A 561 -4.55 -1.86 9.36
N THR A 562 -3.62 -1.74 8.42
CA THR A 562 -2.25 -1.50 8.81
C THR A 562 -1.42 -0.72 7.80
N ALA A 563 -0.23 -0.32 8.25
CA ALA A 563 0.76 0.32 7.40
C ALA A 563 1.81 -0.73 7.00
N HIS A 564 2.58 -0.43 5.97
CA HIS A 564 3.56 -1.39 5.48
C HIS A 564 4.90 -0.70 5.25
N TRP A 565 5.97 -1.47 5.34
CA TRP A 565 7.28 -0.97 4.92
C TRP A 565 7.95 -2.03 4.05
N THR A 566 8.87 -1.61 3.18
CA THR A 566 9.40 -2.52 2.16
C THR A 566 10.18 -3.69 2.73
N GLY A 567 10.42 -3.66 4.04
CA GLY A 567 11.06 -4.77 4.71
C GLY A 567 12.57 -4.68 4.77
N ASP A 568 13.24 -5.77 4.45
CA ASP A 568 14.69 -5.84 4.58
C ASP A 568 15.40 -5.42 3.31
N ASN A 569 15.51 -4.12 3.09
CA ASN A 569 16.30 -3.60 1.97
C ASN A 569 17.78 -3.54 2.34
N ALA A 570 18.58 -2.93 1.49
CA ALA A 570 20.02 -2.85 1.73
C ALA A 570 20.57 -1.45 1.53
N ALA A 571 21.70 -1.16 2.17
CA ALA A 571 22.39 0.09 1.95
C ALA A 571 23.14 0.08 0.62
N ARG A 572 22.38 0.03 -0.47
CA ARG A 572 22.94 0.07 -1.81
C ARG A 572 22.17 1.09 -2.62
N TRP A 573 22.83 1.71 -3.59
CA TRP A 573 22.19 2.71 -4.44
C TRP A 573 21.00 2.17 -5.22
N ASP A 574 21.02 0.86 -5.50
CA ASP A 574 19.89 0.21 -6.15
C ASP A 574 18.65 0.29 -5.29
N ASP A 575 18.81 -0.04 -4.00
CA ASP A 575 17.67 -0.09 -3.08
C ASP A 575 17.01 1.28 -2.86
N LEU A 576 17.82 2.33 -2.93
CA LEU A 576 17.32 3.68 -2.85
C LEU A 576 16.32 3.92 -3.97
N GLN A 577 16.66 3.48 -5.17
CA GLN A 577 15.78 3.63 -6.32
C GLN A 577 14.63 2.63 -6.25
N TYR A 578 14.94 1.42 -5.76
CA TYR A 578 13.94 0.37 -5.62
C TYR A 578 12.76 0.81 -4.76
N SER A 579 13.02 1.73 -3.83
CA SER A 579 12.00 2.15 -2.87
C SER A 579 10.83 2.83 -3.55
N ILE A 580 11.06 3.41 -4.73
CA ILE A 580 10.05 4.18 -5.42
C ILE A 580 8.98 3.34 -6.15
N PRO A 581 9.38 2.33 -6.95
CA PRO A 581 8.35 1.45 -7.52
C PRO A 581 7.57 0.68 -6.46
N THR A 582 8.25 0.28 -5.38
CA THR A 582 7.58 -0.42 -4.30
C THR A 582 6.58 0.50 -3.60
N MET A 583 6.96 1.76 -3.47
CA MET A 583 6.11 2.78 -2.84
C MET A 583 4.86 3.07 -3.67
N LEU A 584 5.02 3.12 -4.99
CA LEU A 584 3.90 3.38 -5.88
C LEU A 584 3.00 2.14 -6.02
N ASN A 585 3.60 0.96 -5.91
CA ASN A 585 2.85 -0.28 -6.01
C ASN A 585 1.88 -0.44 -4.86
N PHE A 586 2.35 -0.15 -3.64
CA PHE A 586 1.51 -0.30 -2.47
C PHE A 586 0.42 0.76 -2.38
N GLY A 587 0.56 1.82 -3.18
CA GLY A 587 -0.52 2.77 -3.36
C GLY A 587 -1.66 2.13 -4.14
N LEU A 588 -1.30 1.40 -5.19
CA LEU A 588 -2.29 0.70 -5.99
C LEU A 588 -2.95 -0.38 -5.15
N PHE A 589 -2.19 -0.92 -4.21
CA PHE A 589 -2.67 -2.06 -3.42
C PHE A 589 -3.55 -1.61 -2.25
N GLY A 590 -3.82 -0.32 -2.18
CA GLY A 590 -4.69 0.23 -1.15
C GLY A 590 -3.98 0.39 0.18
N MET A 591 -2.67 0.51 0.14
CA MET A 591 -1.89 0.74 1.35
C MET A 591 -1.03 1.99 1.21
N PRO A 592 -1.67 3.17 1.22
CA PRO A 592 -0.97 4.44 0.95
C PRO A 592 0.08 4.80 2.00
N MET A 593 -0.02 4.20 3.18
CA MET A 593 0.97 4.44 4.23
C MET A 593 2.14 3.48 4.04
N ILE A 594 3.15 3.93 3.29
CA ILE A 594 4.25 3.06 2.88
C ILE A 594 5.59 3.82 2.93
N GLY A 595 6.65 3.10 3.25
CA GLY A 595 7.99 3.67 3.28
C GLY A 595 9.03 2.58 3.33
N ALA A 596 10.28 2.93 3.04
CA ALA A 596 11.37 1.98 3.13
C ALA A 596 12.33 2.40 4.24
N ASP A 597 13.07 1.44 4.78
CA ASP A 597 14.09 1.72 5.79
C ASP A 597 15.12 2.69 5.21
N ILE A 598 15.09 3.92 5.71
CA ILE A 598 15.99 4.97 5.23
C ILE A 598 17.45 4.62 5.55
N CYS A 599 18.31 4.85 4.56
CA CYS A 599 19.74 4.53 4.64
C CYS A 599 20.01 3.03 4.62
N GLY A 600 18.96 2.23 4.45
CA GLY A 600 19.10 0.80 4.26
C GLY A 600 19.25 -0.01 5.53
N PHE A 601 18.49 -1.11 5.60
CA PHE A 601 18.48 -1.97 6.78
C PHE A 601 19.73 -2.82 6.89
N ALA A 602 19.96 -3.67 5.91
CA ALA A 602 21.12 -4.55 5.91
C ALA A 602 22.33 -3.89 5.26
N GLU A 603 23.51 -4.39 5.61
CA GLU A 603 24.81 -3.82 5.23
C GLU A 603 25.01 -2.37 5.73
N SER A 604 26.27 -1.98 5.87
CA SER A 604 26.61 -0.67 6.37
C SER A 604 26.46 0.42 5.31
N THR A 605 25.96 1.57 5.71
CA THR A 605 25.69 2.67 4.80
C THR A 605 26.90 3.59 4.66
N THR A 606 26.86 4.46 3.65
CA THR A 606 27.89 5.45 3.47
C THR A 606 27.28 6.83 3.63
N GLU A 607 28.11 7.83 3.90
CA GLU A 607 27.63 9.18 4.16
C GLU A 607 26.83 9.74 2.99
N GLU A 608 27.29 9.50 1.77
CA GLU A 608 26.59 10.03 0.60
C GLU A 608 25.28 9.30 0.34
N LEU A 609 25.27 7.99 0.56
CA LEU A 609 24.06 7.21 0.37
C LEU A 609 22.98 7.63 1.36
N CYS A 610 23.38 7.78 2.62
CA CYS A 610 22.45 8.19 3.67
C CYS A 610 21.94 9.60 3.45
N ARG A 611 22.84 10.47 2.98
CA ARG A 611 22.49 11.86 2.67
C ARG A 611 21.44 11.96 1.56
N ARG A 612 21.63 11.18 0.50
CA ARG A 612 20.69 11.19 -0.62
C ARG A 612 19.39 10.47 -0.26
N TRP A 613 19.46 9.58 0.73
CA TRP A 613 18.30 8.77 1.11
C TRP A 613 17.36 9.54 2.03
N ILE A 614 17.91 10.33 2.96
CA ILE A 614 17.07 11.14 3.82
C ILE A 614 16.38 12.24 2.99
N GLN A 615 17.04 12.67 1.92
CA GLN A 615 16.46 13.63 1.00
C GLN A 615 15.23 13.02 0.30
N LEU A 616 15.31 11.75 -0.05
CA LEU A 616 14.18 11.06 -0.66
C LEU A 616 13.20 10.58 0.41
N GLY A 617 13.74 9.95 1.45
CA GLY A 617 12.94 9.34 2.49
C GLY A 617 12.13 10.30 3.34
N ALA A 618 12.45 11.59 3.25
CA ALA A 618 11.70 12.60 3.98
C ALA A 618 10.37 12.90 3.31
N PHE A 619 10.10 12.19 2.21
CA PHE A 619 8.85 12.41 1.49
C PHE A 619 8.05 11.11 1.33
N TYR A 620 8.60 10.01 1.83
CA TYR A 620 7.82 8.79 1.98
C TYR A 620 6.61 9.13 2.84
N PRO A 621 5.46 8.52 2.54
CA PRO A 621 4.32 8.68 3.46
C PRO A 621 4.72 8.24 4.87
N PHE A 622 5.36 7.08 4.96
CA PHE A 622 5.89 6.57 6.23
C PHE A 622 7.40 6.72 6.24
N SER A 623 7.91 7.62 7.07
CA SER A 623 9.34 7.97 7.08
C SER A 623 10.08 7.50 8.32
N ARG A 624 10.95 6.51 8.16
CA ARG A 624 11.63 5.87 9.29
C ARG A 624 13.06 5.42 9.00
N ASP A 625 13.95 5.69 9.96
CA ASP A 625 15.31 5.19 9.94
C ASP A 625 15.36 3.86 10.70
N HIS A 626 15.90 2.82 10.07
CA HIS A 626 16.01 1.51 10.71
C HIS A 626 17.16 0.70 10.12
N SER A 627 17.78 -0.14 10.95
CA SER A 627 18.93 -0.94 10.49
C SER A 627 19.18 -2.17 11.36
N ALA A 628 19.89 -3.14 10.78
CA ALA A 628 20.28 -4.34 11.50
C ALA A 628 21.42 -4.04 12.46
N ARG A 629 21.65 -4.94 13.42
CA ARG A 629 22.68 -4.71 14.44
C ARG A 629 24.09 -5.02 13.97
N ASP A 630 24.22 -5.81 12.92
CA ASP A 630 25.55 -6.18 12.41
C ASP A 630 26.05 -5.16 11.40
N THR A 631 25.40 -4.00 11.34
CA THR A 631 25.85 -2.90 10.50
C THR A 631 26.16 -1.71 11.39
N THR A 632 26.79 -0.68 10.82
CA THR A 632 27.11 0.51 11.60
C THR A 632 25.86 1.34 11.86
N HIS A 633 25.91 2.14 12.92
CA HIS A 633 24.81 3.03 13.26
C HIS A 633 24.62 4.08 12.18
N GLN A 634 23.39 4.54 12.01
CA GLN A 634 23.07 5.45 10.93
C GLN A 634 22.01 6.48 11.31
N GLU A 635 21.99 6.88 12.58
CA GLU A 635 21.17 8.02 12.99
C GLU A 635 21.63 9.25 12.24
N LEU A 636 20.69 10.15 11.95
CA LEU A 636 20.93 11.27 11.03
C LEU A 636 21.88 12.34 11.58
N TYR A 637 22.20 12.28 12.86
CA TYR A 637 23.05 13.29 13.47
C TYR A 637 24.53 12.95 13.36
N LEU A 638 24.82 11.70 13.02
CA LEU A 638 26.19 11.18 13.02
C LEU A 638 27.08 11.83 11.97
N TRP A 639 26.48 12.38 10.91
CA TRP A 639 27.23 13.11 9.90
C TRP A 639 26.61 14.50 9.73
N GLU A 640 27.46 15.52 9.65
CA GLU A 640 26.97 16.89 9.56
C GLU A 640 26.31 17.20 8.22
N SER A 641 26.85 16.63 7.14
CA SER A 641 26.30 16.88 5.81
C SER A 641 24.91 16.28 5.66
N VAL A 642 24.66 15.18 6.39
CA VAL A 642 23.36 14.53 6.31
C VAL A 642 22.37 15.15 7.30
N ALA A 643 22.88 15.65 8.43
CA ALA A 643 22.04 16.30 9.43
C ALA A 643 21.54 17.64 8.90
N ALA A 644 22.40 18.31 8.13
CA ALA A 644 22.04 19.57 7.48
C ALA A 644 21.03 19.32 6.38
N SER A 645 21.17 18.19 5.68
CA SER A 645 20.18 17.77 4.70
C SER A 645 18.87 17.41 5.41
N ALA A 646 19.00 16.67 6.51
CA ALA A 646 17.84 16.26 7.31
C ALA A 646 16.98 17.45 7.73
N ARG A 647 17.59 18.44 8.37
CA ARG A 647 16.88 19.64 8.82
C ARG A 647 16.18 20.35 7.67
N THR A 648 16.82 20.37 6.50
CA THR A 648 16.21 20.97 5.32
C THR A 648 14.98 20.17 4.85
N VAL A 649 15.19 18.89 4.51
CA VAL A 649 14.11 18.08 3.96
C VAL A 649 12.99 17.79 4.98
N LEU A 650 13.36 17.45 6.21
CA LEU A 650 12.37 17.20 7.25
C LEU A 650 11.67 18.48 7.64
N GLY A 651 12.32 19.61 7.38
CA GLY A 651 11.71 20.90 7.58
C GLY A 651 10.56 21.10 6.62
N LEU A 652 10.82 20.87 5.34
CA LEU A 652 9.78 21.01 4.32
C LEU A 652 8.63 20.02 4.54
N ARG A 653 8.97 18.81 4.98
CA ARG A 653 7.96 17.79 5.25
C ARG A 653 7.00 18.22 6.36
N TYR A 654 7.55 18.74 7.45
CA TYR A 654 6.73 19.17 8.58
C TYR A 654 5.83 20.34 8.21
N GLN A 655 6.31 21.22 7.35
CA GLN A 655 5.47 22.29 6.80
C GLN A 655 4.35 21.68 5.98
N LEU A 656 4.64 20.55 5.34
CA LEU A 656 3.67 19.87 4.48
C LEU A 656 2.84 18.84 5.24
N LEU A 657 2.92 18.85 6.57
CA LEU A 657 2.10 17.95 7.39
C LEU A 657 0.59 18.05 7.15
N PRO A 658 0.02 19.28 7.12
CA PRO A 658 -1.41 19.36 6.85
C PRO A 658 -1.75 18.79 5.47
N TYR A 659 -0.85 18.96 4.53
CA TYR A 659 -1.04 18.48 3.17
C TYR A 659 -1.08 16.94 3.15
N TYR A 660 -0.09 16.33 3.77
CA TYR A 660 0.01 14.87 3.87
C TYR A 660 -1.21 14.28 4.55
N TYR A 661 -1.72 14.99 5.53
CA TYR A 661 -2.85 14.51 6.32
C TYR A 661 -4.14 14.57 5.51
N THR A 662 -4.26 15.60 4.67
CA THR A 662 -5.42 15.73 3.80
C THR A 662 -5.39 14.63 2.74
N LEU A 663 -4.19 14.27 2.30
CA LEU A 663 -4.04 13.21 1.31
C LEU A 663 -4.43 11.88 1.93
N MET A 664 -4.01 11.68 3.18
CA MET A 664 -4.40 10.49 3.94
C MET A 664 -5.92 10.44 4.05
N TYR A 665 -6.53 11.61 4.24
CA TYR A 665 -7.98 11.72 4.30
C TYR A 665 -8.62 11.30 2.97
N ASP A 666 -8.09 11.82 1.87
CA ASP A 666 -8.55 11.45 0.54
C ASP A 666 -8.41 9.94 0.29
N ALA A 667 -7.32 9.36 0.80
CA ALA A 667 -7.06 7.93 0.65
C ALA A 667 -8.15 7.09 1.30
N ASN A 668 -8.46 7.38 2.56
CA ASN A 668 -9.53 6.67 3.25
C ASN A 668 -10.89 6.89 2.56
N LEU A 669 -11.04 8.04 1.94
CA LEU A 669 -12.30 8.43 1.32
C LEU A 669 -12.52 7.88 -0.09
N ARG A 670 -11.46 7.82 -0.89
CA ARG A 670 -11.60 7.44 -2.30
C ARG A 670 -10.54 6.43 -2.75
N GLY A 671 -9.69 6.00 -1.83
CA GLY A 671 -8.66 5.02 -2.16
C GLY A 671 -7.44 5.62 -2.84
N ILE A 672 -7.48 6.91 -3.13
CA ILE A 672 -6.39 7.56 -3.86
C ILE A 672 -5.12 7.66 -3.02
N PRO A 673 -3.99 7.20 -3.58
CA PRO A 673 -2.72 7.13 -2.83
C PRO A 673 -2.13 8.50 -2.52
N ILE A 674 -1.36 8.56 -1.44
CA ILE A 674 -0.64 9.77 -1.08
C ILE A 674 0.54 9.97 -2.03
N ALA A 675 1.42 8.97 -2.08
CA ALA A 675 2.50 8.94 -3.06
C ALA A 675 2.01 8.25 -4.33
N ARG A 676 1.84 9.01 -5.40
CA ARG A 676 1.22 8.48 -6.61
C ARG A 676 2.07 8.70 -7.86
N PRO A 677 1.89 7.84 -8.88
CA PRO A 677 2.64 7.95 -10.14
C PRO A 677 2.26 9.21 -10.91
N LEU A 678 3.20 9.72 -11.72
CA LEU A 678 2.94 10.91 -12.54
C LEU A 678 1.70 10.78 -13.42
N PHE A 679 1.47 9.59 -13.98
CA PHE A 679 0.35 9.41 -14.89
C PHE A 679 -1.02 9.49 -14.20
N PHE A 680 -1.01 9.56 -12.88
CA PHE A 680 -2.25 9.77 -12.13
C PHE A 680 -2.75 11.19 -12.35
N THR A 681 -1.83 12.14 -12.43
CA THR A 681 -2.17 13.53 -12.64
C THR A 681 -2.08 13.87 -14.13
N PHE A 682 -1.23 13.15 -14.84
CA PHE A 682 -1.06 13.36 -16.27
C PHE A 682 -1.21 12.06 -17.06
N PRO A 683 -2.45 11.56 -17.18
CA PRO A 683 -2.69 10.29 -17.88
C PRO A 683 -2.54 10.40 -19.41
N ASP A 684 -2.67 11.61 -19.95
CA ASP A 684 -2.58 11.81 -21.40
C ASP A 684 -1.13 11.94 -21.88
N ASP A 685 -0.18 11.86 -20.95
CA ASP A 685 1.23 11.95 -21.27
C ASP A 685 1.85 10.56 -21.18
N VAL A 686 1.97 9.89 -22.34
CA VAL A 686 2.45 8.51 -22.39
C VAL A 686 3.88 8.35 -21.87
N ALA A 687 4.65 9.43 -21.94
CA ALA A 687 6.04 9.37 -21.50
C ALA A 687 6.16 9.16 -19.99
N THR A 688 5.09 9.49 -19.26
CA THR A 688 5.10 9.35 -17.81
C THR A 688 4.91 7.90 -17.35
N TYR A 689 4.39 7.07 -18.25
CA TYR A 689 4.02 5.70 -17.91
C TYR A 689 5.22 4.89 -17.41
N GLY A 690 6.39 5.13 -17.98
CA GLY A 690 7.58 4.35 -17.69
C GLY A 690 8.54 4.98 -16.69
N ILE A 691 8.18 6.13 -16.14
CA ILE A 691 9.00 6.80 -15.13
C ILE A 691 9.02 5.98 -13.85
N SER A 692 10.20 5.69 -13.33
CA SER A 692 10.33 4.91 -12.11
C SER A 692 11.22 5.61 -11.09
N SER A 693 11.60 6.85 -11.38
CA SER A 693 12.58 7.56 -10.57
C SER A 693 12.01 8.83 -9.98
N GLN A 694 10.81 9.19 -10.43
CA GLN A 694 10.13 10.37 -9.92
C GLN A 694 8.76 9.94 -9.44
N PHE A 695 8.15 10.75 -8.58
CA PHE A 695 6.79 10.48 -8.12
C PHE A 695 6.10 11.74 -7.64
N LEU A 696 4.82 11.62 -7.28
CA LEU A 696 4.06 12.77 -6.83
C LEU A 696 3.56 12.58 -5.41
N ILE A 697 3.62 13.65 -4.62
CA ILE A 697 2.90 13.69 -3.35
C ILE A 697 1.62 14.46 -3.59
N GLY A 698 0.51 13.75 -3.68
CA GLY A 698 -0.76 14.37 -4.04
C GLY A 698 -0.83 14.67 -5.52
N ARG A 699 -1.56 15.71 -5.87
CA ARG A 699 -1.83 16.00 -7.27
C ARG A 699 -0.72 16.78 -7.98
N GLY A 700 -0.17 17.79 -7.31
CA GLY A 700 0.73 18.71 -8.00
C GLY A 700 2.12 18.93 -7.44
N ILE A 701 2.57 18.06 -6.53
CA ILE A 701 3.94 18.17 -6.03
C ILE A 701 4.80 16.99 -6.49
N MET A 702 5.87 17.29 -7.22
CA MET A 702 6.72 16.25 -7.79
C MET A 702 8.10 16.20 -7.11
N VAL A 703 8.58 15.00 -6.84
CA VAL A 703 9.89 14.81 -6.23
C VAL A 703 10.85 14.20 -7.23
N SER A 704 12.06 14.74 -7.32
CA SER A 704 13.05 14.28 -8.28
C SER A 704 14.40 14.11 -7.62
N PRO A 705 14.61 12.96 -6.95
CA PRO A 705 15.83 12.71 -6.18
C PRO A 705 17.01 12.27 -7.05
N VAL A 706 18.20 12.35 -6.49
CA VAL A 706 19.40 11.79 -7.13
C VAL A 706 19.60 10.38 -6.58
N LEU A 707 19.83 9.43 -7.48
CA LEU A 707 19.89 8.02 -7.10
C LEU A 707 21.22 7.36 -7.47
N GLN A 708 22.19 8.17 -7.87
CA GLN A 708 23.51 7.68 -8.24
C GLN A 708 24.59 8.48 -7.52
N PRO A 709 25.68 7.81 -7.12
CA PRO A 709 26.72 8.44 -6.29
C PRO A 709 27.51 9.51 -7.05
N GLY A 710 28.10 10.44 -6.31
CA GLY A 710 28.98 11.44 -6.87
C GLY A 710 28.38 12.29 -7.98
N ALA A 711 27.07 12.47 -7.93
CA ALA A 711 26.39 13.30 -8.93
C ALA A 711 25.92 14.60 -8.29
N VAL A 712 25.75 15.63 -9.10
CA VAL A 712 25.25 16.91 -8.63
C VAL A 712 24.18 17.45 -9.56
N SER A 713 23.57 16.57 -10.33
CA SER A 713 22.50 16.95 -11.25
C SER A 713 21.57 15.77 -11.51
N VAL A 714 20.38 16.05 -12.04
CA VAL A 714 19.43 15.01 -12.38
C VAL A 714 18.69 15.30 -13.68
N ASN A 715 18.49 14.26 -14.49
CA ASN A 715 17.67 14.38 -15.68
C ASN A 715 16.24 13.94 -15.40
N ALA A 716 15.45 14.86 -14.86
CA ALA A 716 14.07 14.55 -14.47
C ALA A 716 13.06 15.00 -15.52
N TYR A 717 11.99 14.23 -15.66
CA TYR A 717 10.95 14.56 -16.62
C TYR A 717 9.96 15.57 -16.06
N PHE A 718 9.59 16.55 -16.87
CA PHE A 718 8.60 17.55 -16.47
C PHE A 718 7.45 17.56 -17.47
N PRO A 719 6.27 17.09 -17.03
CA PRO A 719 5.06 17.20 -17.85
C PRO A 719 4.77 18.66 -18.17
N ARG A 720 3.94 18.90 -19.19
CA ARG A 720 3.62 20.25 -19.64
C ARG A 720 3.16 21.15 -18.49
N GLY A 721 3.59 22.41 -18.52
CA GLY A 721 3.17 23.37 -17.51
C GLY A 721 4.32 24.02 -16.76
N ASN A 722 3.98 24.91 -15.84
CA ASN A 722 4.96 25.63 -15.06
C ASN A 722 5.17 24.97 -13.69
N TRP A 723 6.42 24.70 -13.35
CA TRP A 723 6.75 24.10 -12.07
C TRP A 723 7.61 25.05 -11.24
N PHE A 724 7.45 24.99 -9.92
CA PHE A 724 8.19 25.88 -9.03
C PHE A 724 8.78 25.11 -7.86
N SER A 725 10.04 25.36 -7.55
CA SER A 725 10.69 24.70 -6.42
C SER A 725 10.06 25.11 -5.10
N LEU A 726 9.81 24.12 -4.24
CA LEU A 726 9.29 24.37 -2.91
C LEU A 726 10.40 24.80 -1.97
N PHE A 727 11.62 24.89 -2.51
CA PHE A 727 12.77 25.37 -1.74
C PHE A 727 13.17 26.77 -2.19
N ASN A 728 12.76 27.13 -3.40
CA ASN A 728 13.05 28.44 -3.98
C ASN A 728 11.96 28.82 -4.96
N TYR A 729 11.05 29.69 -4.54
CA TYR A 729 9.90 30.07 -5.35
C TYR A 729 10.31 30.79 -6.64
N THR A 730 11.56 31.21 -6.71
CA THR A 730 12.10 31.85 -7.90
C THR A 730 12.53 30.80 -8.92
N SER A 731 13.20 29.76 -8.43
CA SER A 731 13.61 28.64 -9.27
C SER A 731 12.40 27.94 -9.86
N SER A 732 12.24 28.04 -11.18
CA SER A 732 11.07 27.47 -11.84
C SER A 732 11.43 26.68 -13.09
N VAL A 733 10.51 25.83 -13.52
CA VAL A 733 10.66 25.06 -14.76
C VAL A 733 9.42 25.23 -15.62
N SER A 734 9.61 25.70 -16.85
CA SER A 734 8.51 25.94 -17.77
C SER A 734 8.72 25.25 -19.11
N VAL A 735 7.80 24.36 -19.46
CA VAL A 735 7.87 23.65 -20.73
C VAL A 735 6.50 23.62 -21.42
N SER A 736 6.50 23.80 -22.74
CA SER A 736 5.25 23.83 -23.49
C SER A 736 4.84 22.42 -23.88
N ALA A 737 5.78 21.49 -23.76
CA ALA A 737 5.51 20.08 -23.98
C ALA A 737 6.41 19.28 -23.04
N GLY A 738 5.93 18.12 -22.60
CA GLY A 738 6.68 17.29 -21.68
C GLY A 738 8.09 16.96 -22.16
N THR A 739 9.06 17.13 -21.28
CA THR A 739 10.46 16.89 -21.63
C THR A 739 11.33 16.71 -20.39
N TYR A 740 12.45 16.01 -20.57
CA TYR A 740 13.45 15.90 -19.53
C TYR A 740 14.19 17.22 -19.38
N VAL A 741 14.60 17.53 -18.15
CA VAL A 741 15.29 18.77 -17.86
C VAL A 741 16.40 18.50 -16.85
N SER A 742 17.61 18.93 -17.15
CA SER A 742 18.72 18.79 -16.22
C SER A 742 18.56 19.81 -15.08
N LEU A 743 18.55 19.30 -13.85
CA LEU A 743 18.37 20.15 -12.68
C LEU A 743 19.61 20.12 -11.83
N SER A 744 20.06 21.28 -11.38
CA SER A 744 21.17 21.36 -10.43
C SER A 744 20.76 20.64 -9.15
N ALA A 745 21.55 19.66 -8.74
CA ALA A 745 21.26 18.91 -7.53
C ALA A 745 22.45 18.83 -6.59
N PRO A 746 22.73 19.93 -5.86
CA PRO A 746 23.79 19.99 -4.86
C PRO A 746 23.74 18.84 -3.87
N PRO A 747 24.87 18.50 -3.25
CA PRO A 747 24.97 17.39 -2.29
C PRO A 747 23.94 17.47 -1.16
N ASP A 748 23.46 18.67 -0.84
CA ASP A 748 22.50 18.84 0.23
C ASP A 748 21.09 19.13 -0.28
N HIS A 749 20.94 19.18 -1.60
CA HIS A 749 19.68 19.61 -2.20
C HIS A 749 18.94 18.49 -2.93
N ILE A 750 17.61 18.54 -2.89
CA ILE A 750 16.76 17.65 -3.68
C ILE A 750 15.67 18.45 -4.38
N ASN A 751 15.48 18.18 -5.67
CA ASN A 751 14.48 18.90 -6.45
C ASN A 751 13.04 18.49 -6.10
N VAL A 752 12.32 19.40 -5.47
CA VAL A 752 10.91 19.20 -5.17
C VAL A 752 10.13 20.38 -5.72
N HIS A 753 9.27 20.11 -6.70
CA HIS A 753 8.57 21.17 -7.40
C HIS A 753 7.05 21.04 -7.32
N ILE A 754 6.37 22.19 -7.38
CA ILE A 754 4.91 22.21 -7.41
C ILE A 754 4.41 22.70 -8.77
N HIS A 755 3.39 22.00 -9.29
CA HIS A 755 2.81 22.32 -10.58
C HIS A 755 1.73 23.39 -10.45
N GLU A 756 1.51 24.15 -11.51
CA GLU A 756 0.50 25.19 -11.55
C GLU A 756 -0.89 24.61 -11.33
N GLY A 757 -1.83 25.46 -10.92
CA GLY A 757 -3.21 25.05 -10.72
C GLY A 757 -3.49 24.43 -9.37
N ASN A 758 -2.51 24.48 -8.47
CA ASN A 758 -2.65 23.85 -7.16
C ASN A 758 -2.51 24.82 -5.99
N ILE A 759 -3.37 24.66 -4.99
CA ILE A 759 -3.27 25.45 -3.77
C ILE A 759 -2.97 24.52 -2.59
N VAL A 760 -1.92 24.83 -1.85
CA VAL A 760 -1.51 24.00 -0.71
C VAL A 760 -1.44 24.79 0.59
N ALA A 761 -2.07 24.26 1.63
CA ALA A 761 -2.05 24.89 2.95
C ALA A 761 -0.91 24.33 3.78
N MET A 762 0.01 25.19 4.16
CA MET A 762 1.19 24.76 4.90
C MET A 762 1.24 25.44 6.26
N GLN A 763 1.87 24.77 7.22
CA GLN A 763 2.15 25.37 8.52
C GLN A 763 3.65 25.52 8.71
N GLY A 764 4.09 25.72 9.94
CA GLY A 764 5.48 25.99 10.21
C GLY A 764 6.28 24.79 10.66
N GLU A 765 7.60 24.87 10.49
CA GLU A 765 8.50 23.83 10.95
C GLU A 765 8.48 23.74 12.46
N ALA A 766 8.78 22.55 12.98
CA ALA A 766 8.83 22.31 14.41
C ALA A 766 9.58 21.01 14.72
N MET A 767 9.81 20.77 16.00
CA MET A 767 10.51 19.57 16.43
C MET A 767 9.56 18.39 16.55
N THR A 768 8.29 18.68 16.78
CA THR A 768 7.27 17.65 16.85
C THR A 768 6.05 18.05 16.03
N THR A 769 5.22 17.07 15.67
CA THR A 769 3.98 17.34 14.95
C THR A 769 3.02 18.12 15.83
N GLN A 770 3.06 17.84 17.12
CA GLN A 770 2.24 18.56 18.10
C GLN A 770 2.50 20.06 18.03
N ALA A 771 3.78 20.43 18.04
CA ALA A 771 4.18 21.83 18.01
C ALA A 771 3.88 22.47 16.66
N ALA A 772 3.99 21.68 15.59
CA ALA A 772 3.78 22.17 14.24
C ALA A 772 2.35 22.66 14.03
N ARG A 773 1.40 22.02 14.71
CA ARG A 773 -0.01 22.37 14.57
C ARG A 773 -0.35 23.66 15.31
N SER A 774 0.55 24.09 16.19
CA SER A 774 0.37 25.31 16.96
C SER A 774 0.90 26.53 16.20
N THR A 775 1.36 26.29 14.97
CA THR A 775 1.97 27.35 14.17
C THR A 775 0.95 27.93 13.19
N PRO A 776 1.21 29.16 12.71
CA PRO A 776 0.29 29.77 11.73
C PRO A 776 0.29 29.04 10.39
N PHE A 777 -0.79 29.22 9.63
CA PHE A 777 -0.91 28.64 8.32
C PHE A 777 -0.39 29.56 7.23
N HIS A 778 0.45 29.02 6.34
CA HIS A 778 0.86 29.74 5.15
C HIS A 778 0.17 29.12 3.94
N LEU A 779 -0.54 29.94 3.17
CA LEU A 779 -1.21 29.45 1.97
C LEU A 779 -0.33 29.65 0.75
N LEU A 780 -0.01 28.55 0.07
CA LEU A 780 0.79 28.61 -1.15
C LEU A 780 -0.12 28.48 -2.35
N VAL A 781 -0.25 29.56 -3.12
CA VAL A 781 -1.11 29.55 -4.29
C VAL A 781 -0.29 29.58 -5.58
N VAL A 782 -0.41 28.53 -6.38
CA VAL A 782 0.26 28.49 -7.68
C VAL A 782 -0.78 28.65 -8.78
N MET A 783 -0.71 29.78 -9.49
CA MET A 783 -1.73 30.12 -10.49
C MET A 783 -1.50 29.45 -11.84
N SER A 784 -2.53 29.48 -12.68
CA SER A 784 -2.45 28.91 -14.02
C SER A 784 -3.33 29.71 -14.98
N ASP A 785 -2.79 30.00 -16.16
CA ASP A 785 -3.53 30.74 -17.17
C ASP A 785 -4.49 29.83 -17.92
N HIS A 786 -4.53 28.56 -17.53
CA HIS A 786 -5.37 27.57 -18.18
C HIS A 786 -6.57 27.17 -17.33
N VAL A 787 -6.42 27.28 -16.01
CA VAL A 787 -7.47 26.83 -15.11
C VAL A 787 -7.36 27.50 -13.75
N ALA A 788 -8.49 27.64 -13.06
CA ALA A 788 -8.50 28.12 -11.69
C ALA A 788 -7.76 27.13 -10.80
N SER A 789 -6.92 27.64 -9.91
CA SER A 789 -6.21 26.80 -8.96
C SER A 789 -7.13 26.38 -7.83
N THR A 790 -6.98 25.15 -7.37
CA THR A 790 -7.81 24.64 -6.27
C THR A 790 -6.96 23.89 -5.26
N GLY A 791 -7.46 23.82 -4.03
CA GLY A 791 -6.76 23.13 -2.96
C GLY A 791 -7.73 22.60 -1.92
N GLU A 792 -7.22 21.79 -1.00
CA GLU A 792 -8.08 21.15 -0.02
C GLU A 792 -7.34 20.87 1.28
N LEU A 793 -7.98 21.17 2.40
CA LEU A 793 -7.38 20.98 3.70
C LEU A 793 -8.36 20.26 4.62
N PHE A 794 -7.93 19.13 5.17
CA PHE A 794 -8.76 18.43 6.13
C PHE A 794 -8.18 18.57 7.53
N LEU A 795 -9.04 18.94 8.47
CA LEU A 795 -8.61 19.19 9.84
C LEU A 795 -9.41 18.34 10.81
N ASP A 796 -8.71 17.67 11.72
CA ASP A 796 -9.35 17.01 12.85
C ASP A 796 -8.38 17.01 14.02
N ASN A 797 -8.74 16.32 15.10
CA ASN A 797 -7.89 16.26 16.28
C ASN A 797 -6.66 15.37 16.12
N GLY A 798 -6.51 14.77 14.94
CA GLY A 798 -5.36 13.93 14.66
C GLY A 798 -5.44 12.54 15.27
N ILE A 799 -6.50 12.27 16.03
CA ILE A 799 -6.66 10.97 16.69
C ILE A 799 -8.11 10.48 16.82
N GLU A 800 -9.04 11.06 16.06
CA GLU A 800 -10.43 10.58 16.13
C GLU A 800 -10.50 9.18 15.50
N MET A 801 -11.27 8.29 16.12
CA MET A 801 -11.36 6.91 15.68
C MET A 801 -11.86 6.80 14.25
N ASP A 802 -13.09 7.26 14.03
CA ASP A 802 -13.66 7.30 12.69
C ASP A 802 -13.44 8.66 12.06
N ILE A 803 -12.51 8.71 11.11
CA ILE A 803 -12.11 9.96 10.47
C ILE A 803 -13.25 10.57 9.62
N GLY A 804 -13.52 11.84 9.85
CA GLY A 804 -14.52 12.58 9.09
C GLY A 804 -15.93 11.99 9.17
N GLY A 805 -16.24 11.35 10.28
CA GLY A 805 -17.52 10.68 10.44
C GLY A 805 -18.66 11.62 10.80
N PRO A 806 -19.79 11.05 11.25
CA PRO A 806 -20.92 11.86 11.71
C PRO A 806 -20.55 12.61 12.97
N GLY A 807 -21.13 13.78 13.18
CA GLY A 807 -20.73 14.65 14.28
C GLY A 807 -19.86 15.77 13.73
N GLY A 808 -19.10 16.42 14.60
CA GLY A 808 -18.31 17.56 14.17
C GLY A 808 -16.93 17.76 14.80
N LYS A 809 -16.16 16.67 14.94
CA LYS A 809 -14.79 16.79 15.44
C LYS A 809 -13.79 16.95 14.30
N TRP A 810 -14.28 17.45 13.17
CA TRP A 810 -13.44 17.69 12.01
C TRP A 810 -13.95 18.88 11.22
N THR A 811 -13.08 19.43 10.38
CA THR A 811 -13.44 20.53 9.50
C THR A 811 -12.81 20.28 8.14
N LEU A 812 -13.59 20.50 7.08
CA LEU A 812 -13.03 20.46 5.74
C LEU A 812 -13.03 21.85 5.14
N VAL A 813 -11.90 22.24 4.55
CA VAL A 813 -11.77 23.53 3.90
C VAL A 813 -11.29 23.36 2.47
N ARG A 814 -11.98 24.02 1.54
CA ARG A 814 -11.58 23.97 0.14
C ARG A 814 -11.16 25.36 -0.33
N PHE A 815 -10.06 25.44 -1.06
CA PHE A 815 -9.57 26.72 -1.55
C PHE A 815 -9.74 26.86 -3.05
N PHE A 816 -9.88 28.11 -3.50
CA PHE A 816 -10.12 28.39 -4.90
C PHE A 816 -9.47 29.70 -5.29
N ALA A 817 -8.91 29.77 -6.49
CA ALA A 817 -8.23 30.98 -6.94
C ALA A 817 -8.37 31.15 -8.45
N GLU A 818 -8.73 32.35 -8.89
CA GLU A 818 -8.86 32.63 -10.31
C GLU A 818 -8.44 34.06 -10.68
N SER A 819 -7.62 34.18 -11.71
CA SER A 819 -7.17 35.49 -12.19
C SER A 819 -8.07 36.02 -13.28
N GLY A 820 -8.49 37.27 -13.13
CA GLY A 820 -9.16 37.98 -14.20
C GLY A 820 -8.13 38.85 -14.89
N ILE A 821 -8.58 39.76 -15.74
CA ILE A 821 -7.67 40.70 -16.38
C ILE A 821 -7.10 41.67 -15.35
N ASN A 822 -7.97 42.24 -14.53
CA ASN A 822 -7.56 43.24 -13.57
C ASN A 822 -7.54 42.75 -12.13
N ASN A 823 -8.33 41.71 -11.84
CA ASN A 823 -8.50 41.25 -10.47
C ASN A 823 -8.16 39.78 -10.23
N LEU A 824 -7.66 39.49 -9.03
CA LEU A 824 -7.39 38.12 -8.61
C LEU A 824 -8.24 37.81 -7.38
N THR A 825 -8.90 36.65 -7.41
CA THR A 825 -9.77 36.24 -6.31
C THR A 825 -9.28 34.98 -5.61
N ILE A 826 -9.10 35.06 -4.30
CA ILE A 826 -8.81 33.89 -3.50
C ILE A 826 -9.95 33.71 -2.51
N SER A 827 -10.49 32.51 -2.44
CA SER A 827 -11.61 32.25 -1.55
C SER A 827 -11.56 30.84 -0.98
N SER A 828 -12.28 30.63 0.12
CA SER A 828 -12.38 29.31 0.71
C SER A 828 -13.84 28.96 1.00
N GLU A 829 -14.11 27.66 1.13
CA GLU A 829 -15.40 27.17 1.56
C GLU A 829 -15.18 26.27 2.76
N VAL A 830 -16.05 26.38 3.75
CA VAL A 830 -15.88 25.63 4.98
C VAL A 830 -17.05 24.71 5.26
N VAL A 831 -16.74 23.46 5.59
CA VAL A 831 -17.75 22.52 6.04
C VAL A 831 -17.42 22.14 7.47
N ASN A 832 -18.44 22.16 8.33
CA ASN A 832 -18.28 21.83 9.74
C ASN A 832 -17.28 22.76 10.42
N ARG A 833 -17.57 24.06 10.39
CA ARG A 833 -16.63 25.10 10.82
C ARG A 833 -16.21 24.99 12.29
N GLY A 834 -16.98 24.24 13.08
CA GLY A 834 -16.78 24.14 14.51
C GLY A 834 -15.40 23.77 14.98
N TYR A 835 -14.89 22.61 14.56
CA TYR A 835 -13.62 22.14 15.09
C TYR A 835 -12.43 23.05 14.80
N ALA A 836 -12.29 23.47 13.54
CA ALA A 836 -11.19 24.34 13.13
C ALA A 836 -11.22 25.66 13.90
N MET A 837 -12.43 26.14 14.16
CA MET A 837 -12.62 27.37 14.89
C MET A 837 -12.12 27.22 16.32
N SER A 838 -12.41 26.08 16.93
CA SER A 838 -12.01 25.80 18.31
C SER A 838 -10.51 25.54 18.43
N GLN A 839 -9.80 25.54 17.31
CA GLN A 839 -8.37 25.26 17.31
C GLN A 839 -7.55 26.51 17.06
N ARG A 840 -8.23 27.63 16.83
CA ARG A 840 -7.59 28.93 16.68
C ARG A 840 -6.55 28.96 15.55
N TRP A 841 -6.72 28.08 14.57
CA TRP A 841 -5.83 28.10 13.41
C TRP A 841 -6.00 29.38 12.60
N VAL A 842 -4.89 30.07 12.36
CA VAL A 842 -4.92 31.35 11.69
C VAL A 842 -3.95 31.37 10.52
N MET A 843 -4.41 31.93 9.40
CA MET A 843 -3.57 32.08 8.21
C MET A 843 -3.07 33.52 8.16
N ASP A 844 -1.75 33.70 8.22
CA ASP A 844 -1.17 35.04 8.22
C ASP A 844 -0.37 35.40 6.98
N LYS A 845 -0.27 34.46 6.03
CA LYS A 845 0.50 34.71 4.82
C LYS A 845 -0.03 33.94 3.61
N ILE A 846 -0.02 34.60 2.46
CA ILE A 846 -0.38 33.96 1.20
C ILE A 846 0.66 34.29 0.13
N THR A 847 1.36 33.27 -0.35
CA THR A 847 2.36 33.45 -1.39
C THR A 847 1.79 33.02 -2.74
N ILE A 848 1.89 33.88 -3.74
CA ILE A 848 1.29 33.63 -5.04
C ILE A 848 2.34 33.42 -6.13
N LEU A 849 2.29 32.25 -6.76
CA LEU A 849 3.22 31.90 -7.82
C LEU A 849 2.48 31.77 -9.15
N GLY A 850 3.22 31.56 -10.23
CA GLY A 850 2.65 31.27 -11.53
C GLY A 850 2.19 32.47 -12.32
N LEU A 851 2.33 33.66 -11.74
CA LEU A 851 1.92 34.89 -12.42
C LEU A 851 3.12 35.64 -12.96
N LYS A 852 2.90 36.42 -14.01
CA LYS A 852 3.95 37.26 -14.58
C LYS A 852 3.81 38.69 -14.07
N ARG A 853 2.69 38.97 -13.42
CA ARG A 853 2.46 40.28 -12.80
C ARG A 853 2.25 40.12 -11.29
N ARG A 854 2.77 41.08 -10.53
CA ARG A 854 2.60 41.10 -9.08
C ARG A 854 1.17 41.50 -8.74
N VAL A 855 0.74 41.16 -7.51
CA VAL A 855 -0.59 41.52 -7.03
C VAL A 855 -0.51 42.04 -5.59
N ARG A 856 -1.56 42.76 -5.17
CA ARG A 856 -1.64 43.28 -3.81
C ARG A 856 -3.07 43.68 -3.49
N ILE A 857 -3.39 43.72 -2.20
CA ILE A 857 -4.72 44.08 -1.72
C ILE A 857 -5.14 45.49 -2.16
N LYS A 858 -6.44 45.66 -2.42
CA LYS A 858 -7.04 46.94 -2.79
C LYS A 858 -6.57 48.10 -1.94
N GLY A 885 9.56 36.52 -17.55
CA GLY A 885 9.47 35.40 -16.64
C GLY A 885 8.34 35.54 -15.65
N PHE A 886 8.41 34.79 -14.55
CA PHE A 886 7.37 34.85 -13.53
C PHE A 886 7.78 35.71 -12.34
N VAL A 887 6.78 36.16 -11.58
CA VAL A 887 7.02 36.96 -10.38
C VAL A 887 6.50 36.23 -9.15
N VAL A 888 6.92 36.68 -7.96
CA VAL A 888 6.42 36.13 -6.71
C VAL A 888 5.73 37.22 -5.90
N SER A 889 4.51 36.94 -5.46
CA SER A 889 3.75 37.90 -4.67
C SER A 889 3.44 37.34 -3.29
N VAL A 890 3.61 38.16 -2.26
CA VAL A 890 3.35 37.76 -0.88
C VAL A 890 2.38 38.71 -0.19
N ILE A 891 1.41 38.15 0.53
CA ILE A 891 0.44 38.95 1.28
C ILE A 891 0.60 38.67 2.78
N SER A 892 1.03 39.69 3.53
CA SER A 892 1.34 39.50 4.94
C SER A 892 0.31 40.15 5.87
N ASP A 893 0.42 39.83 7.16
CA ASP A 893 -0.45 40.38 8.20
C ASP A 893 -1.94 40.18 7.92
N LEU A 894 -2.31 38.94 7.62
CA LEU A 894 -3.68 38.63 7.23
C LEU A 894 -4.59 38.28 8.42
N ARG A 895 -4.04 37.54 9.38
CA ARG A 895 -4.78 37.15 10.59
C ARG A 895 -6.12 36.47 10.32
N GLN A 896 -6.26 35.84 9.16
CA GLN A 896 -7.53 35.24 8.76
C GLN A 896 -7.75 33.89 9.43
N LEU A 897 -8.88 33.77 10.11
CA LEU A 897 -9.24 32.52 10.78
C LEU A 897 -9.58 31.44 9.76
N VAL A 898 -8.79 30.37 9.75
CA VAL A 898 -8.93 29.27 8.79
C VAL A 898 -10.34 28.70 8.76
N GLY A 899 -10.96 28.59 9.94
CA GLY A 899 -12.30 28.04 10.07
C GLY A 899 -13.40 29.02 9.69
N GLN A 900 -13.03 30.14 9.10
CA GLN A 900 -14.01 31.09 8.59
C GLN A 900 -13.82 31.28 7.09
N ALA A 901 -14.88 31.01 6.33
CA ALA A 901 -14.86 31.20 4.88
C ALA A 901 -14.55 32.66 4.56
N PHE A 902 -13.81 32.88 3.49
CA PHE A 902 -13.38 34.23 3.13
C PHE A 902 -13.28 34.38 1.63
N LYS A 903 -13.40 35.60 1.15
CA LYS A 903 -13.12 35.92 -0.25
C LYS A 903 -12.16 37.10 -0.29
N LEU A 904 -10.94 36.86 -0.74
CA LEU A 904 -9.95 37.93 -0.80
C LEU A 904 -9.83 38.48 -2.22
N GLU A 905 -9.75 39.80 -2.33
CA GLU A 905 -9.65 40.47 -3.62
C GLU A 905 -8.31 41.16 -3.77
N LEU A 906 -7.57 40.82 -4.82
CA LEU A 906 -6.29 41.44 -5.10
C LEU A 906 -6.33 42.17 -6.43
N GLU A 907 -5.36 43.06 -6.66
CA GLU A 907 -5.27 43.79 -7.92
C GLU A 907 -3.88 43.67 -8.53
N PHE A 908 -3.82 43.58 -9.85
CA PHE A 908 -2.55 43.51 -10.55
C PHE A 908 -1.88 44.88 -10.59
N GLU A 909 -0.58 44.91 -10.86
CA GLU A 909 0.15 46.16 -10.96
C GLU A 909 0.68 46.37 -12.38
C1 NAG B . 11.79 -19.38 30.28
C2 NAG B . 13.18 -19.87 29.82
C3 NAG B . 14.25 -19.45 30.82
C4 NAG B . 14.16 -17.96 31.14
C5 NAG B . 12.73 -17.63 31.57
C6 NAG B . 12.51 -16.15 31.85
C7 NAG B . 13.06 -21.90 28.43
C8 NAG B . 13.08 -23.39 28.42
N2 NAG B . 13.17 -21.31 29.63
O3 NAG B . 15.56 -19.74 30.33
O4 NAG B . 15.07 -17.64 32.19
O5 NAG B . 11.83 -17.99 30.51
O6 NAG B . 12.95 -15.34 30.77
O7 NAG B . 12.98 -21.25 27.39
C1 FUC B . 16.01 -21.05 30.69
C2 FUC B . 16.83 -21.61 29.55
C3 FUC B . 18.06 -20.73 29.36
C4 FUC B . 18.89 -20.75 30.65
C5 FUC B . 18.01 -20.36 31.86
C6 FUC B . 18.69 -20.65 33.21
O2 FUC B . 16.06 -21.70 28.34
O3 FUC B . 18.88 -21.24 28.31
O4 FUC B . 19.42 -22.04 30.84
O5 FUC B . 16.74 -21.06 31.89
C1 NAG B . 15.95 -16.52 31.90
C2 NAG B . 16.70 -16.18 33.18
C3 NAG B . 17.66 -15.00 32.95
C4 NAG B . 18.53 -15.24 31.74
C5 NAG B . 17.68 -15.60 30.53
C6 NAG B . 18.51 -15.97 29.32
C7 NAG B . 15.27 -16.80 35.09
C8 NAG B . 14.31 -16.32 36.12
N2 NAG B . 15.77 -15.87 34.26
O3 NAG B . 18.48 -14.83 34.10
O4 NAG B . 19.30 -14.08 31.45
O5 NAG B . 16.88 -16.75 30.83
O6 NAG B . 17.71 -16.43 28.24
O7 NAG B . 15.60 -17.98 35.00
C1 GLC C . 19.03 -27.17 -4.59
C2 GLC C . 19.02 -26.39 -3.27
C3 GLC C . 18.61 -24.94 -3.53
C4 GLC C . 19.55 -24.33 -4.57
C5 GLC C . 19.47 -25.18 -5.85
C6 GLC C . 20.36 -24.64 -6.97
O1 GLC C . 17.70 -27.29 -5.10
O2 GLC C . 18.11 -27.00 -2.35
O3 GLC C . 18.66 -24.20 -2.30
O4 GLC C . 19.24 -22.94 -4.83
O5 GLC C . 19.88 -26.51 -5.53
O6 GLC C . 20.44 -25.61 -8.01
C1 GLC C . 17.82 -22.72 -5.01
C2 GLC C . 17.62 -21.61 -6.06
C3 GLC C . 18.16 -20.27 -5.56
C4 GLC C . 17.63 -19.96 -4.15
C5 GLC C . 17.74 -21.16 -3.22
C6 GLC C . 17.06 -20.85 -1.90
O2 GLC C . 18.26 -21.98 -7.28
O3 GLC C . 17.77 -19.28 -6.51
O4 GLC C . 18.32 -18.88 -3.52
O5 GLC C . 17.14 -22.31 -3.82
O6 GLC C . 16.96 -22.05 -1.11
C1 GLC C . 17.85 -17.60 -3.99
C2 GLC C . 19.03 -16.67 -4.25
C3 GLC C . 19.68 -16.13 -2.97
C4 GLC C . 18.60 -15.65 -1.99
C5 GLC C . 17.54 -16.74 -1.82
C6 GLC C . 16.49 -16.33 -0.81
O2 GLC C . 20.01 -17.42 -4.98
O3 GLC C . 20.54 -15.05 -3.32
O4 GLC C . 19.16 -15.33 -0.69
O5 GLC C . 16.94 -16.99 -3.08
O6 GLC C . 15.83 -17.50 -0.34
C1 GLC C . 19.50 -13.93 -0.65
C2 GLC C . 20.87 -13.73 -0.02
C3 GLC C . 20.86 -14.18 1.44
C4 GLC C . 19.72 -13.52 2.19
C5 GLC C . 18.42 -13.76 1.43
C6 GLC C . 17.22 -13.15 2.13
O2 GLC C . 21.86 -14.47 -0.74
O3 GLC C . 22.12 -13.84 2.03
O4 GLC C . 19.57 -14.08 3.50
O5 GLC C . 18.53 -13.20 0.11
O6 GLC C . 16.03 -13.81 1.67
C1 GLC C . 20.28 -13.41 4.54
C2 GLC C . 20.18 -14.24 5.83
C3 GLC C . 18.75 -14.23 6.36
C4 GLC C . 18.34 -12.79 6.63
C5 GLC C . 18.43 -12.05 5.29
C6 GLC C . 17.96 -10.61 5.41
O2 GLC C . 20.61 -15.58 5.56
O3 GLC C . 18.67 -15.03 7.54
O4 GLC C . 16.99 -12.68 7.09
O5 GLC C . 19.77 -12.10 4.78
O6 GLC C . 18.57 -9.97 6.53
C1 AC1 C . 16.79 -12.87 8.50
O2 AC1 C . 14.75 -13.99 7.86
C2 AC1 C . 15.30 -13.02 8.77
C4A AC1 C . 13.60 -6.56 12.11
C3 AC1 C . 14.56 -11.70 8.59
O3 AC1 C . 13.18 -11.87 8.92
C4 AC1 C . 15.21 -10.64 9.48
N4A AC1 C . 14.54 -9.35 9.41
C5 AC1 C . 16.69 -10.53 9.08
O5 AC1 C . 17.32 -11.79 9.28
C6 AC1 C . 17.42 -9.48 9.91
C1B AC1 C . 13.52 -9.01 10.38
C2B AC1 C . 12.79 -7.70 10.06
O2B AC1 C . 12.63 -7.57 8.64
C3B AC1 C . 13.56 -6.51 10.59
O3B AC1 C . 12.95 -5.28 10.18
O4 AC1 C . 14.52 -5.57 12.58
C5B AC1 C . 14.10 -7.90 12.58
C7B AC1 C . 14.11 -8.98 11.77
C6B AC1 C . 14.63 -8.02 13.98
O6B AC1 C . 13.54 -8.33 14.86
C1 NAG D . 16.79 30.93 -5.77
C2 NAG D . 18.22 31.32 -5.40
C3 NAG D . 18.77 32.33 -6.40
C4 NAG D . 18.64 31.79 -7.82
C5 NAG D . 17.19 31.43 -8.09
C6 NAG D . 16.96 30.84 -9.45
C7 NAG D . 18.84 31.18 -3.03
C8 NAG D . 18.82 31.87 -1.70
N2 NAG D . 18.28 31.85 -4.05
O3 NAG D . 20.14 32.62 -6.11
O4 NAG D . 19.10 32.75 -8.77
O5 NAG D . 16.76 30.44 -7.14
O6 NAG D . 17.73 29.66 -9.65
O7 NAG D . 19.36 30.09 -3.19
S SO4 E . -7.33 14.73 -6.29
O1 SO4 E . -8.27 14.05 -7.20
O2 SO4 E . -7.66 16.14 -6.22
O3 SO4 E . -7.42 14.13 -4.97
O4 SO4 E . -5.98 14.56 -6.81
C1 NAG F . -11.55 44.70 -9.72
C2 NAG F . -11.62 46.21 -9.94
C3 NAG F . -12.67 46.84 -9.02
C4 NAG F . -13.99 46.08 -9.12
C5 NAG F . -13.75 44.60 -8.87
C6 NAG F . -15.00 43.76 -8.99
C7 NAG F . -9.51 47.26 -10.68
C8 NAG F . -8.20 47.80 -10.24
N2 NAG F . -10.31 46.80 -9.71
O3 NAG F . -12.88 48.20 -9.37
O4 NAG F . -14.94 46.60 -8.18
O5 NAG F . -12.84 44.12 -9.85
O6 NAG F . -15.29 43.48 -10.35
O7 NAG F . -9.87 47.29 -11.85
#